data_2YMU
#
_entry.id   2YMU
#
_cell.length_a   88.470
_cell.length_b   107.730
_cell.length_c   136.260
_cell.angle_alpha   90.00
_cell.angle_beta   90.00
_cell.angle_gamma   90.00
#
_symmetry.space_group_name_H-M   'P 21 21 21'
#
loop_
_entity.id
_entity.type
_entity.pdbx_description
1 polymer 'WD-40 REPEAT PROTEIN'
2 water water
#
_entity_poly.entity_id   1
_entity_poly.type   'polypeptide(L)'
_entity_poly.pdbx_seq_one_letter_code
;GSHMGVKERNRLEAHSSSVRGVAFSPDGQTIASASDDKTVKLWNRNGQLLQTLTGHSSSVWGVAFSPDGQTIASASDDKT
VKLWNRNGQLLQTLTGHSSSVRGVAFSPDGQTIASASDDKTVKLWNRNGQLLQTLTGHSSSVWGVAFSPDGQTIASASDD
KTVKLWNRNGQLLQTLTGHSSSVWGVAFSPDGQTIASASDDKTVKLWNRNGQLLQTLTGHSSSVRGVAFSPDGQTIASAS
DDKTVKLWNRNGQLLQTLTGHSSSVNGVAFRPDGQTIASASDDKTVKLWNRNGQLLQTLTGHSSSVWGVAFSPDGQTIAS
ASDDKTVKLWNRNGQHLQTLTGHSSSVWGVAFSPDGQTIASASDDKTVKLWNRNGQLLQTLTGHSSSVRGVAFSPDGQTI
ASASDDKTVKLWNRNGQLLQTLTGHSSSVWGVAFSPDDQTIASASDDKTVKLWNRNGQLLQTLTGHSSSVRGVAFSPDGQ
TIASASDDKTVKLWNRNGQLLQTLTGHSSSVRGVAFSPDGQTIASASDDKTVKLWNRNGQLLQTLTGHSSSVWGVAFSPD
GQTIASASSDKTVKLWN
;
_entity_poly.pdbx_strand_id   A,B
#
# COMPACT_ATOMS: atom_id res chain seq x y z
N GLY A 1 -12.51 -24.12 -13.95
CA GLY A 1 -12.86 -22.84 -14.52
C GLY A 1 -11.66 -21.94 -14.59
N SER A 2 -11.83 -20.79 -15.23
CA SER A 2 -10.75 -19.84 -15.31
C SER A 2 -11.26 -18.44 -14.97
N HIS A 3 -10.48 -17.72 -14.19
CA HIS A 3 -10.76 -16.34 -13.87
C HIS A 3 -9.56 -15.54 -14.32
N MET A 4 -9.78 -14.63 -15.28
CA MET A 4 -8.71 -13.75 -15.70
C MET A 4 -8.56 -12.61 -14.71
N GLY A 5 -7.31 -12.35 -14.30
CA GLY A 5 -7.04 -11.34 -13.30
C GLY A 5 -7.49 -9.97 -13.77
N VAL A 6 -8.19 -9.25 -12.89
CA VAL A 6 -8.55 -7.87 -13.20
C VAL A 6 -7.56 -6.90 -12.56
N LYS A 7 -7.46 -5.71 -13.16
CA LYS A 7 -6.54 -4.70 -12.66
C LYS A 7 -7.27 -3.38 -12.44
N GLU A 8 -6.66 -2.52 -11.64
CA GLU A 8 -7.23 -1.21 -11.37
C GLU A 8 -7.08 -0.39 -12.63
N ARG A 9 -8.17 0.21 -13.09
CA ARG A 9 -8.18 0.95 -14.36
C ARG A 9 -8.47 2.43 -14.24
N ASN A 10 -9.37 2.80 -13.35
CA ASN A 10 -9.76 4.22 -13.19
C ASN A 10 -9.94 4.53 -11.71
N ARG A 11 -9.64 5.77 -11.34
CA ARG A 11 -9.82 6.24 -9.98
C ARG A 11 -10.78 7.42 -10.00
N LEU A 12 -11.93 7.24 -9.39
CA LEU A 12 -12.98 8.26 -9.42
C LEU A 12 -12.80 9.07 -8.15
N GLU A 13 -11.98 10.12 -8.23
CA GLU A 13 -11.62 10.89 -7.05
C GLU A 13 -11.02 12.19 -7.50
N ALA A 14 -10.86 13.11 -6.57
CA ALA A 14 -10.10 14.34 -6.83
C ALA A 14 -9.77 14.93 -5.48
N HIS A 15 -9.63 16.25 -5.40
CA HIS A 15 -9.23 16.83 -4.13
C HIS A 15 -10.38 16.82 -3.17
N SER A 16 -10.09 16.75 -1.87
CA SER A 16 -11.13 16.68 -0.86
CA SER A 16 -11.15 16.69 -0.88
C SER A 16 -11.18 17.95 -0.02
N SER A 17 -10.43 18.97 -0.46
CA SER A 17 -10.49 20.30 0.13
CA SER A 17 -10.49 20.32 0.14
C SER A 17 -10.18 21.35 -0.94
N SER A 18 -10.21 22.62 -0.54
CA SER A 18 -9.95 23.74 -1.46
CA SER A 18 -9.97 23.72 -1.47
C SER A 18 -8.77 23.47 -2.39
N VAL A 19 -8.91 23.85 -3.65
CA VAL A 19 -7.82 23.75 -4.61
C VAL A 19 -7.25 25.16 -4.74
N ARG A 20 -5.96 25.28 -4.44
CA ARG A 20 -5.26 26.57 -4.32
C ARG A 20 -4.55 27.00 -5.59
N GLY A 21 -4.18 26.06 -6.44
CA GLY A 21 -3.42 26.42 -7.62
C GLY A 21 -3.47 25.33 -8.67
N VAL A 22 -3.30 25.72 -9.93
CA VAL A 22 -3.23 24.78 -11.05
C VAL A 22 -2.13 25.18 -12.00
N ALA A 23 -1.54 24.19 -12.67
CA ALA A 23 -0.51 24.49 -13.65
C ALA A 23 -0.55 23.49 -14.77
N PHE A 24 -0.16 23.92 -15.97
CA PHE A 24 -0.02 23.02 -17.12
C PHE A 24 1.43 22.66 -17.39
N SER A 25 1.68 21.45 -17.87
CA SER A 25 3.03 21.08 -18.32
C SER A 25 3.29 21.84 -19.63
N PRO A 26 4.57 22.01 -20.01
CA PRO A 26 4.90 22.81 -21.20
C PRO A 26 4.27 22.26 -22.49
N ASP A 27 4.05 20.96 -22.59
CA ASP A 27 3.38 20.39 -23.77
C ASP A 27 1.84 20.37 -23.69
N GLY A 28 1.30 20.86 -22.59
CA GLY A 28 -0.15 20.92 -22.42
C GLY A 28 -0.84 19.60 -22.10
N GLN A 29 -0.05 18.54 -21.94
CA GLN A 29 -0.59 17.17 -21.77
C GLN A 29 -0.96 16.85 -20.36
N THR A 30 -0.42 17.59 -19.40
CA THR A 30 -0.62 17.26 -18.00
C THR A 30 -1.02 18.51 -17.24
N ILE A 31 -1.93 18.36 -16.28
CA ILE A 31 -2.28 19.44 -15.39
C ILE A 31 -1.89 19.05 -13.97
N ALA A 32 -1.31 19.99 -13.23
CA ALA A 32 -1.06 19.74 -11.79
C ALA A 32 -2.01 20.60 -10.98
N SER A 33 -2.63 20.04 -9.95
CA SER A 33 -3.46 20.83 -9.08
C SER A 33 -2.94 20.67 -7.63
N ALA A 34 -3.00 21.75 -6.86
CA ALA A 34 -2.50 21.76 -5.48
C ALA A 34 -3.63 22.08 -4.53
N SER A 35 -3.72 21.38 -3.41
CA SER A 35 -4.88 21.48 -2.55
C SER A 35 -4.61 21.60 -1.05
N ASP A 36 -5.58 22.18 -0.34
CA ASP A 36 -5.58 22.14 1.13
C ASP A 36 -5.63 20.71 1.64
N ASP A 37 -5.91 19.74 0.77
CA ASP A 37 -5.93 18.35 1.24
C ASP A 37 -4.54 17.75 1.37
N LYS A 38 -3.54 18.59 1.16
CA LYS A 38 -2.12 18.26 1.40
C LYS A 38 -1.47 17.53 0.24
N THR A 39 -2.17 17.47 -0.88
CA THR A 39 -1.64 16.74 -2.03
C THR A 39 -1.52 17.61 -3.27
N VAL A 40 -0.68 17.13 -4.20
CA VAL A 40 -0.76 17.61 -5.58
C VAL A 40 -1.27 16.46 -6.42
N LYS A 41 -2.18 16.70 -7.36
CA LYS A 41 -2.63 15.63 -8.27
C LYS A 41 -2.30 15.98 -9.70
N LEU A 42 -1.93 14.96 -10.48
CA LEU A 42 -1.55 15.13 -11.87
C LEU A 42 -2.59 14.41 -12.74
N TRP A 43 -3.07 15.15 -13.75
CA TRP A 43 -4.18 14.76 -14.62
C TRP A 43 -3.76 14.80 -16.09
N ASN A 44 -4.29 13.88 -16.89
CA ASN A 44 -4.06 13.94 -18.35
C ASN A 44 -5.07 14.88 -19.02
N ARG A 45 -5.04 14.98 -20.34
CA ARG A 45 -5.91 15.93 -21.03
C ARG A 45 -7.40 15.60 -20.98
N ASN A 46 -7.72 14.35 -20.64
CA ASN A 46 -9.11 13.90 -20.51
C ASN A 46 -9.65 14.03 -19.08
N GLY A 47 -8.86 14.64 -18.21
CA GLY A 47 -9.24 14.82 -16.82
C GLY A 47 -9.20 13.53 -16.04
N GLN A 48 -8.37 12.59 -16.46
CA GLN A 48 -8.18 11.36 -15.71
C GLN A 48 -7.00 11.47 -14.75
N LEU A 49 -7.15 10.92 -13.55
CA LEU A 49 -6.08 11.02 -12.55
C LEU A 49 -4.89 10.12 -12.86
N LEU A 50 -3.70 10.72 -12.95
CA LEU A 50 -2.50 9.99 -13.32
C LEU A 50 -1.70 9.66 -12.08
N GLN A 51 -1.63 10.63 -11.16
CA GLN A 51 -0.74 10.43 -10.00
C GLN A 51 -1.08 11.35 -8.87
N THR A 52 -0.97 10.88 -7.62
CA THR A 52 -1.07 11.77 -6.47
C THR A 52 0.30 11.92 -5.77
N LEU A 53 0.72 13.16 -5.54
CA LEU A 53 1.95 13.45 -4.80
C LEU A 53 1.58 13.68 -3.34
N THR A 54 1.97 12.72 -2.50
CA THR A 54 1.67 12.75 -1.07
C THR A 54 2.94 12.92 -0.26
N GLY A 55 2.88 13.71 0.78
CA GLY A 55 4.06 13.94 1.58
C GLY A 55 4.04 15.24 2.37
N HIS A 56 3.50 16.30 1.79
CA HIS A 56 3.37 17.55 2.54
C HIS A 56 2.49 17.33 3.78
N SER A 57 2.76 18.09 4.84
CA SER A 57 2.03 17.85 6.08
C SER A 57 1.05 18.98 6.37
N SER A 58 0.86 19.86 5.41
CA SER A 58 -0.18 20.85 5.54
C SER A 58 -0.60 21.23 4.13
N SER A 59 -1.50 22.19 4.02
CA SER A 59 -2.05 22.58 2.73
C SER A 59 -0.99 22.97 1.71
N VAL A 60 -1.25 22.61 0.45
CA VAL A 60 -0.35 22.97 -0.66
C VAL A 60 -0.91 24.17 -1.45
N TRP A 61 -0.13 25.25 -1.50
CA TRP A 61 -0.59 26.53 -2.01
C TRP A 61 -0.11 26.86 -3.41
N GLY A 62 0.99 26.22 -3.85
CA GLY A 62 1.50 26.53 -5.17
C GLY A 62 2.10 25.30 -5.82
N VAL A 63 2.10 25.28 -7.14
CA VAL A 63 2.65 24.15 -7.89
C VAL A 63 3.23 24.66 -9.21
N ALA A 64 4.30 24.04 -9.68
CA ALA A 64 4.86 24.46 -10.96
C ALA A 64 5.49 23.29 -11.67
N PHE A 65 5.54 23.31 -13.00
CA PHE A 65 6.31 22.33 -13.75
C PHE A 65 7.66 22.92 -14.18
N SER A 66 8.68 22.06 -14.20
CA SER A 66 9.95 22.42 -14.84
C SER A 66 9.76 22.63 -16.36
N PRO A 67 10.73 23.29 -17.02
CA PRO A 67 10.63 23.56 -18.46
C PRO A 67 10.49 22.33 -19.34
N ASP A 68 10.98 21.16 -18.93
CA ASP A 68 10.76 19.95 -19.72
C ASP A 68 9.57 19.11 -19.20
N GLY A 69 8.91 19.61 -18.15
CA GLY A 69 7.73 18.93 -17.62
C GLY A 69 7.99 17.67 -16.82
N GLN A 70 9.27 17.35 -16.58
CA GLN A 70 9.60 16.10 -15.86
C GLN A 70 9.71 16.26 -14.33
N THR A 71 9.82 17.49 -13.83
CA THR A 71 9.92 17.72 -12.40
C THR A 71 8.79 18.63 -12.03
N ILE A 72 8.15 18.34 -10.90
CA ILE A 72 7.10 19.19 -10.36
C ILE A 72 7.63 19.80 -9.06
N ALA A 73 7.35 21.08 -8.79
CA ALA A 73 7.65 21.67 -7.47
C ALA A 73 6.36 22.05 -6.82
N SER A 74 6.31 21.91 -5.50
CA SER A 74 5.10 22.30 -4.77
C SER A 74 5.50 23.11 -3.57
N ALA A 75 4.63 24.04 -3.18
CA ALA A 75 4.90 24.93 -2.07
C ALA A 75 3.81 24.77 -1.04
N SER A 76 4.19 24.61 0.23
CA SER A 76 3.22 24.26 1.28
CA SER A 76 3.22 24.26 1.28
C SER A 76 3.25 25.15 2.53
N ASP A 77 2.11 25.16 3.20
CA ASP A 77 1.93 25.77 4.49
C ASP A 77 2.83 25.10 5.53
N ASP A 78 3.34 23.90 5.23
CA ASP A 78 4.26 23.20 6.13
C ASP A 78 5.68 23.78 6.16
N LYS A 79 5.89 24.86 5.42
CA LYS A 79 7.15 25.59 5.34
C LYS A 79 8.20 24.99 4.40
N THR A 80 7.80 24.02 3.59
CA THR A 80 8.75 23.38 2.68
C THR A 80 8.35 23.54 1.23
N VAL A 81 9.35 23.45 0.35
CA VAL A 81 9.09 23.27 -1.06
C VAL A 81 9.52 21.85 -1.37
N LYS A 82 8.71 21.10 -2.12
CA LYS A 82 9.17 19.77 -2.51
C LYS A 82 9.33 19.67 -4.02
N LEU A 83 10.35 18.93 -4.45
CA LEU A 83 10.57 18.62 -5.85
C LEU A 83 10.35 17.11 -6.04
N TRP A 84 9.56 16.80 -7.08
CA TRP A 84 9.04 15.47 -7.35
C TRP A 84 9.25 15.03 -8.80
N ASN A 85 9.28 13.72 -9.03
CA ASN A 85 9.17 13.22 -10.40
C ASN A 85 7.75 12.81 -10.74
N ARG A 86 7.52 12.41 -11.98
CA ARG A 86 6.15 12.11 -12.41
C ARG A 86 5.59 10.80 -11.88
N ASN A 87 6.46 9.97 -11.32
CA ASN A 87 6.02 8.78 -10.60
C ASN A 87 5.67 9.09 -9.16
N GLY A 88 5.76 10.35 -8.78
CA GLY A 88 5.32 10.75 -7.45
C GLY A 88 6.36 10.57 -6.36
N GLN A 89 7.61 10.33 -6.75
CA GLN A 89 8.73 10.16 -5.81
C GLN A 89 9.33 11.49 -5.44
N LEU A 90 9.69 11.64 -4.16
CA LEU A 90 10.38 12.82 -3.67
C LEU A 90 11.82 12.92 -4.16
N LEU A 91 12.15 14.01 -4.84
CA LEU A 91 13.54 14.26 -5.24
C LEU A 91 14.22 15.06 -4.17
N GLN A 92 13.55 16.11 -3.70
CA GLN A 92 14.17 17.02 -2.70
C GLN A 92 13.14 17.68 -1.81
N THR A 93 13.42 17.81 -0.52
CA THR A 93 12.63 18.72 0.33
C THR A 93 13.50 19.93 0.70
N LEU A 94 13.04 21.14 0.39
CA LEU A 94 13.83 22.36 0.61
C LEU A 94 13.27 23.10 1.80
N THR A 95 14.14 23.32 2.76
CA THR A 95 13.80 23.94 4.03
C THR A 95 14.61 25.23 4.20
N GLY A 96 14.01 26.17 4.92
CA GLY A 96 14.68 27.42 5.18
C GLY A 96 13.70 28.56 5.37
N HIS A 97 12.56 28.51 4.70
CA HIS A 97 11.51 29.50 4.95
C HIS A 97 11.04 29.33 6.40
N SER A 98 10.63 30.43 7.04
CA SER A 98 10.25 30.37 8.45
CA SER A 98 10.25 30.41 8.45
C SER A 98 8.73 30.38 8.63
N SER A 99 8.00 30.41 7.53
CA SER A 99 6.56 30.25 7.60
CA SER A 99 6.55 30.32 7.59
C SER A 99 6.05 29.73 6.27
N SER A 100 4.72 29.71 6.11
CA SER A 100 4.05 29.13 4.96
C SER A 100 4.66 29.54 3.64
N VAL A 101 4.78 28.58 2.73
CA VAL A 101 5.24 28.87 1.37
C VAL A 101 4.01 28.94 0.49
N ARG A 102 3.87 30.04 -0.22
CA ARG A 102 2.63 30.37 -0.90
C ARG A 102 2.69 30.23 -2.43
N GLY A 103 3.89 30.18 -2.97
CA GLY A 103 4.02 30.15 -4.42
C GLY A 103 5.37 29.63 -4.82
N VAL A 104 5.46 29.07 -6.02
CA VAL A 104 6.72 28.51 -6.46
C VAL A 104 6.78 28.63 -7.99
N ALA A 105 7.97 28.84 -8.52
CA ALA A 105 8.15 28.96 -9.94
C ALA A 105 9.50 28.42 -10.34
N PHE A 106 9.57 27.88 -11.56
CA PHE A 106 10.84 27.46 -12.15
C PHE A 106 11.37 28.52 -13.11
N SER A 107 12.68 28.74 -13.14
CA SER A 107 13.26 29.59 -14.16
C SER A 107 13.10 28.93 -15.54
N PRO A 108 13.15 29.72 -16.62
CA PRO A 108 13.03 29.22 -18.00
C PRO A 108 14.05 28.15 -18.33
N ASP A 109 15.22 28.19 -17.69
CA ASP A 109 16.20 27.11 -17.87
C ASP A 109 15.99 25.98 -16.86
N GLY A 110 15.04 26.16 -15.94
CA GLY A 110 14.75 25.19 -14.90
C GLY A 110 15.89 24.84 -13.95
N GLN A 111 17.01 25.56 -14.05
CA GLN A 111 18.10 25.32 -13.12
C GLN A 111 17.90 26.01 -11.77
N THR A 112 17.03 27.01 -11.73
CA THR A 112 16.74 27.78 -10.53
C THR A 112 15.24 27.65 -10.20
N ILE A 113 14.91 27.59 -8.92
CA ILE A 113 13.50 27.71 -8.56
CA ILE A 113 13.50 27.63 -8.48
C ILE A 113 13.34 28.84 -7.55
N ALA A 114 12.18 29.48 -7.56
CA ALA A 114 11.91 30.59 -6.68
C ALA A 114 10.71 30.24 -5.81
N SER A 115 10.76 30.56 -4.51
CA SER A 115 9.63 30.31 -3.61
C SER A 115 9.27 31.60 -2.85
N ALA A 116 7.98 31.84 -2.66
CA ALA A 116 7.45 33.03 -1.99
C ALA A 116 6.86 32.59 -0.69
N SER A 117 7.12 33.33 0.38
CA SER A 117 6.69 32.86 1.70
C SER A 117 6.04 33.92 2.57
N ASP A 118 5.19 33.48 3.50
CA ASP A 118 4.68 34.37 4.55
C ASP A 118 5.81 35.00 5.33
N ASP A 119 7.00 34.42 5.25
CA ASP A 119 8.10 34.99 6.04
C ASP A 119 8.67 36.28 5.46
N LYS A 120 8.00 36.79 4.43
CA LYS A 120 8.32 38.08 3.78
C LYS A 120 9.46 38.00 2.78
N THR A 121 9.90 36.79 2.45
CA THR A 121 11.04 36.68 1.58
C THR A 121 10.69 35.89 0.35
N VAL A 122 11.51 36.06 -0.67
CA VAL A 122 11.52 35.08 -1.77
C VAL A 122 12.87 34.40 -1.76
N LYS A 123 12.90 33.07 -1.89
CA LYS A 123 14.18 32.38 -1.93
C LYS A 123 14.42 31.74 -3.30
N LEU A 124 15.66 31.80 -3.75
CA LEU A 124 16.07 31.18 -5.01
C LEU A 124 16.98 30.01 -4.66
N TRP A 125 16.70 28.85 -5.26
CA TRP A 125 17.39 27.61 -4.96
C TRP A 125 17.88 27.00 -6.26
N ASN A 126 18.96 26.23 -6.20
CA ASN A 126 19.28 25.40 -7.35
C ASN A 126 18.59 24.04 -7.24
N ARG A 127 18.58 23.27 -8.31
CA ARG A 127 17.87 22.00 -8.33
C ARG A 127 18.37 20.94 -7.34
N ASN A 128 19.46 21.25 -6.64
CA ASN A 128 20.21 20.27 -5.87
C ASN A 128 20.38 20.22 -4.33
N GLY A 129 19.58 20.88 -3.49
CA GLY A 129 18.76 22.04 -3.75
C GLY A 129 19.32 23.07 -2.78
N GLN A 130 20.44 23.66 -3.18
CA GLN A 130 21.15 24.63 -2.35
CA GLN A 130 21.16 24.62 -2.36
C GLN A 130 20.46 25.98 -2.42
N LEU A 131 20.42 26.67 -1.29
CA LEU A 131 19.88 28.04 -1.29
C LEU A 131 20.88 28.99 -1.94
N LEU A 132 20.43 29.75 -2.92
CA LEU A 132 21.29 30.67 -3.66
C LEU A 132 21.10 32.11 -3.21
N GLN A 133 19.85 32.49 -2.96
CA GLN A 133 19.63 33.91 -2.62
C GLN A 133 18.35 34.06 -1.81
N THR A 134 18.35 35.00 -0.86
CA THR A 134 17.12 35.42 -0.19
C THR A 134 16.83 36.87 -0.56
N LEU A 135 15.64 37.10 -1.08
CA LEU A 135 15.18 38.40 -1.54
C LEU A 135 14.37 39.02 -0.45
N THR A 136 14.94 40.08 0.15
CA THR A 136 14.33 40.91 1.20
C THR A 136 14.37 42.38 0.71
N GLY A 137 13.35 43.20 0.90
CA GLY A 137 12.25 42.96 1.78
C GLY A 137 10.97 43.74 1.46
N HIS A 138 10.02 42.96 0.99
CA HIS A 138 8.64 43.22 1.26
C HIS A 138 8.45 43.38 2.79
N SER A 139 7.40 44.09 3.17
CA SER A 139 7.13 44.38 4.56
C SER A 139 6.06 43.45 5.15
N SER A 140 5.59 42.54 4.34
CA SER A 140 4.63 41.53 4.77
C SER A 140 4.75 40.27 3.92
N SER A 141 3.83 39.34 4.16
CA SER A 141 3.89 38.03 3.52
C SER A 141 3.90 38.14 1.99
N VAL A 142 4.65 37.24 1.37
CA VAL A 142 4.72 37.17 -0.09
C VAL A 142 3.89 35.99 -0.62
N TRP A 143 2.97 36.31 -1.53
CA TRP A 143 1.93 35.38 -1.99
C TRP A 143 2.07 34.84 -3.39
N GLY A 144 2.89 35.49 -4.20
CA GLY A 144 3.04 35.10 -5.59
C GLY A 144 4.43 35.40 -6.07
N VAL A 145 4.92 34.60 -7.03
CA VAL A 145 6.23 34.79 -7.60
C VAL A 145 6.24 34.33 -9.07
N ALA A 146 6.97 35.03 -9.93
CA ALA A 146 7.02 34.66 -11.33
C ALA A 146 8.37 35.04 -11.92
N PHE A 147 8.84 34.27 -12.89
CA PHE A 147 10.04 34.64 -13.63
C PHE A 147 9.63 35.28 -14.95
N SER A 148 10.42 36.25 -15.41
CA SER A 148 10.28 36.77 -16.76
C SER A 148 10.70 35.67 -17.75
N PRO A 149 10.23 35.76 -19.01
CA PRO A 149 10.52 34.75 -20.03
C PRO A 149 12.02 34.54 -20.28
N ASP A 150 12.85 35.57 -20.10
CA ASP A 150 14.30 35.35 -20.14
C ASP A 150 14.93 34.94 -18.78
N GLY A 151 14.09 34.79 -17.76
CA GLY A 151 14.56 34.36 -16.45
C GLY A 151 15.50 35.30 -15.72
N GLN A 152 15.69 36.50 -16.24
CA GLN A 152 16.59 37.48 -15.64
C GLN A 152 15.90 38.39 -14.61
N THR A 153 14.58 38.40 -14.61
CA THR A 153 13.82 39.19 -13.62
C THR A 153 12.86 38.29 -12.85
N ILE A 154 12.73 38.57 -11.56
CA ILE A 154 11.75 37.90 -10.73
C ILE A 154 10.72 38.93 -10.28
N ALA A 155 9.45 38.57 -10.38
CA ALA A 155 8.39 39.40 -9.83
C ALA A 155 7.77 38.73 -8.60
N SER A 156 7.59 39.49 -7.51
CA SER A 156 6.92 38.96 -6.30
C SER A 156 5.72 39.83 -5.93
N ALA A 157 4.62 39.22 -5.45
CA ALA A 157 3.40 39.92 -5.07
C ALA A 157 3.23 39.79 -3.57
N SER A 158 2.90 40.88 -2.89
CA SER A 158 2.90 40.88 -1.45
C SER A 158 1.68 41.52 -0.77
N ASP A 159 1.43 41.07 0.46
CA ASP A 159 0.42 41.63 1.35
C ASP A 159 0.79 43.05 1.77
N ASP A 160 2.02 43.48 1.46
CA ASP A 160 2.38 44.87 1.70
C ASP A 160 1.85 45.80 0.62
N LYS A 161 1.00 45.29 -0.27
CA LYS A 161 0.32 46.08 -1.33
C LYS A 161 1.16 46.36 -2.58
N THR A 162 2.34 45.76 -2.67
CA THR A 162 3.23 46.02 -3.80
C THR A 162 3.57 44.78 -4.61
N VAL A 163 4.03 45.02 -5.84
CA VAL A 163 4.78 43.98 -6.56
C VAL A 163 6.22 44.44 -6.66
N LYS A 164 7.19 43.56 -6.39
CA LYS A 164 8.59 43.98 -6.54
C LYS A 164 9.27 43.19 -7.66
N LEU A 165 10.16 43.87 -8.38
CA LEU A 165 10.91 43.25 -9.45
C LEU A 165 12.36 43.25 -9.03
N TRP A 166 12.97 42.08 -9.20
CA TRP A 166 14.30 41.78 -8.67
C TRP A 166 15.16 41.16 -9.77
N ASN A 167 16.48 41.33 -9.66
CA ASN A 167 17.38 40.53 -10.49
C ASN A 167 17.84 39.31 -9.70
N ARG A 168 18.67 38.46 -10.28
CA ARG A 168 19.05 37.19 -9.63
CA ARG A 168 19.04 37.20 -9.63
C ARG A 168 20.03 37.35 -8.48
N ASN A 169 20.61 38.53 -8.34
CA ASN A 169 21.49 38.76 -7.21
C ASN A 169 20.73 39.33 -6.01
N GLY A 170 19.39 39.33 -6.12
CA GLY A 170 18.54 39.78 -5.03
C GLY A 170 18.47 41.29 -4.93
N GLN A 171 18.97 41.97 -5.97
CA GLN A 171 18.82 43.43 -6.02
C GLN A 171 17.41 43.84 -6.44
N LEU A 172 16.87 44.83 -5.75
CA LEU A 172 15.56 45.34 -6.08
C LEU A 172 15.67 46.26 -7.28
N LEU A 173 14.90 45.97 -8.32
CA LEU A 173 14.95 46.78 -9.54
C LEU A 173 13.84 47.80 -9.53
N GLN A 174 12.66 47.39 -9.10
CA GLN A 174 11.53 48.30 -9.18
C GLN A 174 10.45 47.87 -8.22
N THR A 175 9.75 48.84 -7.63
CA THR A 175 8.55 48.51 -6.85
C THR A 175 7.31 49.06 -7.61
N LEU A 176 6.32 48.21 -7.83
CA LEU A 176 5.03 48.60 -8.42
C LEU A 176 4.06 48.92 -7.29
N THR A 177 3.81 50.22 -7.09
CA THR A 177 2.93 50.69 -6.04
C THR A 177 1.67 51.27 -6.65
N GLY A 178 0.53 51.02 -6.01
CA GLY A 178 -0.73 51.52 -6.52
C GLY A 178 -1.95 50.75 -6.05
N HIS A 179 -1.81 49.44 -5.83
CA HIS A 179 -2.93 48.67 -5.31
C HIS A 179 -3.29 49.22 -3.94
N SER A 180 -4.56 49.17 -3.59
CA SER A 180 -4.96 49.75 -2.31
C SER A 180 -5.09 48.67 -1.26
N SER A 181 -4.69 47.45 -1.60
CA SER A 181 -4.70 46.35 -0.63
C SER A 181 -3.75 45.24 -1.09
N SER A 182 -3.82 44.09 -0.41
CA SER A 182 -2.86 43.01 -0.65
C SER A 182 -2.82 42.58 -2.11
N VAL A 183 -1.63 42.25 -2.60
CA VAL A 183 -1.47 41.68 -3.93
C VAL A 183 -1.24 40.17 -3.78
N TRP A 184 -2.15 39.38 -4.35
CA TRP A 184 -2.17 37.94 -4.16
C TRP A 184 -1.53 37.18 -5.31
N GLY A 185 -1.35 37.82 -6.46
CA GLY A 185 -0.87 37.08 -7.61
C GLY A 185 -0.14 37.96 -8.57
N VAL A 186 0.78 37.38 -9.35
CA VAL A 186 1.51 38.15 -10.35
C VAL A 186 1.89 37.27 -11.56
N ALA A 187 1.92 37.87 -12.75
CA ALA A 187 2.27 37.14 -13.96
C ALA A 187 2.99 38.05 -14.94
N PHE A 188 3.87 37.46 -15.75
CA PHE A 188 4.51 38.21 -16.84
C PHE A 188 3.77 37.95 -18.15
N SER A 189 3.71 38.94 -19.03
CA SER A 189 3.22 38.69 -20.38
C SER A 189 4.27 37.81 -21.09
N PRO A 190 3.86 37.16 -22.19
CA PRO A 190 4.77 36.34 -22.99
C PRO A 190 6.02 37.08 -23.45
N ASP A 191 5.92 38.38 -23.73
CA ASP A 191 7.10 39.11 -24.18
C ASP A 191 7.92 39.72 -23.04
N GLY A 192 7.47 39.52 -21.80
CA GLY A 192 8.18 40.01 -20.63
C GLY A 192 8.04 41.51 -20.36
N GLN A 193 7.28 42.21 -21.21
CA GLN A 193 7.19 43.68 -21.17
C GLN A 193 6.05 44.21 -20.29
N THR A 194 5.07 43.36 -20.00
CA THR A 194 3.93 43.77 -19.19
C THR A 194 3.83 42.86 -18.00
N ILE A 195 3.52 43.43 -16.83
CA ILE A 195 3.32 42.64 -15.63
C ILE A 195 1.86 42.81 -15.24
N ALA A 196 1.21 41.72 -14.85
CA ALA A 196 -0.16 41.78 -14.30
C ALA A 196 -0.13 41.41 -12.84
N SER A 197 -0.93 42.09 -12.02
CA SER A 197 -1.01 41.83 -10.60
C SER A 197 -2.48 41.74 -10.20
N ALA A 198 -2.79 40.80 -9.31
CA ALA A 198 -4.16 40.57 -8.86
C ALA A 198 -4.24 40.95 -7.40
N SER A 199 -5.25 41.71 -7.00
CA SER A 199 -5.27 42.28 -5.67
C SER A 199 -6.56 42.09 -4.90
N ASP A 200 -6.41 42.09 -3.59
CA ASP A 200 -7.52 42.15 -2.66
C ASP A 200 -8.37 43.39 -2.90
N ASP A 201 -7.85 44.39 -3.63
CA ASP A 201 -8.63 45.61 -3.87
C ASP A 201 -9.65 45.47 -5.01
N LYS A 202 -9.82 44.23 -5.49
CA LYS A 202 -10.82 43.84 -6.51
C LYS A 202 -10.39 44.10 -7.95
N THR A 203 -9.12 44.42 -8.16
CA THR A 203 -8.70 44.79 -9.50
C THR A 203 -7.56 43.93 -9.96
N VAL A 204 -7.36 43.92 -11.27
CA VAL A 204 -6.07 43.47 -11.83
C VAL A 204 -5.40 44.70 -12.39
N LYS A 205 -4.10 44.87 -12.13
CA LYS A 205 -3.41 46.00 -12.74
C LYS A 205 -2.34 45.51 -13.70
N LEU A 206 -2.15 46.25 -14.78
CA LEU A 206 -1.18 45.97 -15.84
C LEU A 206 -0.19 47.12 -15.89
N TRP A 207 1.09 46.76 -15.73
CA TRP A 207 2.22 47.65 -15.54
C TRP A 207 3.30 47.43 -16.58
N ASN A 208 4.09 48.46 -16.83
CA ASN A 208 5.36 48.24 -17.54
C ASN A 208 6.50 48.11 -16.54
N ARG A 209 7.71 47.87 -17.03
CA ARG A 209 8.82 47.63 -16.11
C ARG A 209 9.28 48.86 -15.36
N ASN A 210 8.87 50.04 -15.82
CA ASN A 210 9.17 51.27 -15.11
C ASN A 210 8.18 51.56 -14.01
N GLY A 211 7.20 50.69 -13.81
CA GLY A 211 6.29 50.90 -12.70
C GLY A 211 5.14 51.81 -13.04
N GLN A 212 5.00 52.10 -14.32
CA GLN A 212 3.86 52.87 -14.81
C GLN A 212 2.62 51.99 -14.97
N LEU A 213 1.47 52.54 -14.59
CA LEU A 213 0.23 51.80 -14.63
C LEU A 213 -0.46 51.96 -15.98
N LEU A 214 -0.47 50.88 -16.76
CA LEU A 214 -1.00 50.92 -18.11
C LEU A 214 -2.50 50.75 -18.14
N GLN A 215 -3.02 49.95 -17.23
CA GLN A 215 -4.45 49.67 -17.28
C GLN A 215 -4.94 49.01 -16.01
N THR A 216 -6.13 49.38 -15.54
CA THR A 216 -6.75 48.65 -14.43
C THR A 216 -7.98 47.87 -14.93
N LEU A 217 -8.07 46.60 -14.54
CA LEU A 217 -9.21 45.77 -14.90
C LEU A 217 -10.15 45.73 -13.71
N THR A 218 -11.31 46.36 -13.92
CA THR A 218 -12.34 46.54 -12.90
C THR A 218 -13.63 45.86 -13.32
N GLY A 219 -14.28 45.19 -12.39
CA GLY A 219 -15.52 44.50 -12.71
C GLY A 219 -15.80 43.36 -11.75
N HIS A 220 -14.74 42.80 -11.15
CA HIS A 220 -14.92 41.77 -10.14
C HIS A 220 -15.55 42.40 -8.89
N SER A 221 -16.36 41.65 -8.16
CA SER A 221 -17.04 42.28 -7.02
C SER A 221 -16.37 41.90 -5.70
N SER A 222 -15.23 41.23 -5.82
CA SER A 222 -14.45 40.90 -4.63
C SER A 222 -13.00 40.69 -5.00
N SER A 223 -12.22 40.37 -3.99
CA SER A 223 -10.79 40.11 -4.13
C SER A 223 -10.43 39.23 -5.34
N VAL A 224 -9.37 39.62 -6.03
CA VAL A 224 -8.86 38.84 -7.16
C VAL A 224 -7.64 38.06 -6.64
N ARG A 225 -7.74 36.73 -6.66
CA ARG A 225 -6.74 35.86 -6.07
C ARG A 225 -5.69 35.37 -7.07
N GLY A 226 -6.00 35.42 -8.36
CA GLY A 226 -5.07 34.88 -9.35
C GLY A 226 -5.21 35.55 -10.69
N VAL A 227 -4.18 35.47 -11.51
CA VAL A 227 -4.16 36.12 -12.81
C VAL A 227 -3.26 35.34 -13.77
N ALA A 228 -3.56 35.36 -15.07
CA ALA A 228 -2.68 34.72 -16.06
C ALA A 228 -2.83 35.42 -17.39
N PHE A 229 -1.77 35.41 -18.20
CA PHE A 229 -1.84 35.86 -19.59
C PHE A 229 -2.04 34.67 -20.51
N SER A 230 -2.78 34.88 -21.59
CA SER A 230 -2.91 33.88 -22.62
C SER A 230 -1.55 33.74 -23.30
N PRO A 231 -1.32 32.58 -23.92
CA PRO A 231 -0.07 32.35 -24.65
C PRO A 231 0.22 33.39 -25.72
N ASP A 232 -0.82 33.97 -26.34
CA ASP A 232 -0.60 34.99 -27.35
C ASP A 232 -0.48 36.39 -26.76
N GLY A 233 -0.64 36.48 -25.44
CA GLY A 233 -0.48 37.75 -24.75
C GLY A 233 -1.57 38.78 -24.96
N GLN A 234 -2.69 38.38 -25.58
CA GLN A 234 -3.76 39.30 -25.97
CA GLN A 234 -3.74 39.33 -25.95
C GLN A 234 -4.92 39.35 -24.97
N THR A 235 -5.01 38.28 -24.19
CA THR A 235 -6.08 38.08 -23.22
C THR A 235 -5.51 37.89 -21.81
N ILE A 236 -6.19 38.45 -20.81
CA ILE A 236 -5.80 38.30 -19.41
C ILE A 236 -6.94 37.55 -18.75
N ALA A 237 -6.61 36.58 -17.91
CA ALA A 237 -7.63 35.86 -17.14
C ALA A 237 -7.47 36.20 -15.68
N SER A 238 -8.58 36.36 -14.96
CA SER A 238 -8.49 36.66 -13.54
C SER A 238 -9.41 35.76 -12.77
N ALA A 239 -8.98 35.36 -11.57
CA ALA A 239 -9.71 34.44 -10.73
C ALA A 239 -10.08 35.17 -9.46
N SER A 240 -11.35 35.16 -9.07
CA SER A 240 -11.81 36.00 -7.99
C SER A 240 -12.61 35.28 -6.88
N ASP A 241 -12.55 35.88 -5.70
CA ASP A 241 -13.35 35.45 -4.56
CA ASP A 241 -13.35 35.52 -4.54
C ASP A 241 -14.84 35.65 -4.85
N ASP A 242 -15.18 36.38 -5.91
CA ASP A 242 -16.59 36.54 -6.33
C ASP A 242 -17.15 35.31 -7.08
N LYS A 243 -16.33 34.28 -7.17
CA LYS A 243 -16.67 32.97 -7.75
C LYS A 243 -16.56 32.92 -9.27
N THR A 244 -15.94 33.93 -9.87
CA THR A 244 -15.88 33.93 -11.33
C THR A 244 -14.47 33.99 -11.84
N VAL A 245 -14.30 33.58 -13.09
CA VAL A 245 -13.08 33.94 -13.81
C VAL A 245 -13.50 34.91 -14.87
N LYS A 246 -12.75 36.01 -15.03
CA LYS A 246 -13.07 36.95 -16.10
C LYS A 246 -11.94 36.99 -17.11
N LEU A 247 -12.32 37.17 -18.38
CA LEU A 247 -11.37 37.28 -19.48
C LEU A 247 -11.48 38.66 -20.06
N TRP A 248 -10.32 39.31 -20.20
CA TRP A 248 -10.19 40.70 -20.60
C TRP A 248 -9.22 40.89 -21.77
N ASN A 249 -9.40 41.98 -22.51
CA ASN A 249 -8.36 42.44 -23.43
C ASN A 249 -7.49 43.51 -22.75
N ARG A 250 -6.47 43.99 -23.46
CA ARG A 250 -5.53 44.94 -22.86
C ARG A 250 -6.07 46.36 -22.69
N ASN A 251 -7.23 46.64 -23.27
CA ASN A 251 -7.88 47.93 -23.05
C ASN A 251 -8.79 47.92 -21.83
N GLY A 252 -8.87 46.78 -21.15
CA GLY A 252 -9.70 46.69 -19.97
C GLY A 252 -11.14 46.28 -20.26
N GLN A 253 -11.43 45.92 -21.50
CA GLN A 253 -12.78 45.49 -21.84
C GLN A 253 -12.96 44.07 -21.37
N LEU A 254 -14.13 43.79 -20.77
CA LEU A 254 -14.50 42.45 -20.39
C LEU A 254 -14.97 41.66 -21.60
N LEU A 255 -14.31 40.53 -21.88
CA LEU A 255 -14.67 39.70 -23.01
C LEU A 255 -15.60 38.59 -22.57
N GLN A 256 -15.40 38.07 -21.37
CA GLN A 256 -16.16 36.89 -20.98
C GLN A 256 -16.11 36.68 -19.48
N THR A 257 -17.21 36.18 -18.90
CA THR A 257 -17.20 35.71 -17.51
C THR A 257 -17.51 34.22 -17.44
N LEU A 258 -16.64 33.47 -16.77
CA LEU A 258 -16.81 32.03 -16.56
C LEU A 258 -17.45 31.87 -15.19
N THR A 259 -18.71 31.41 -15.22
CA THR A 259 -19.48 31.19 -14.01
C THR A 259 -19.70 29.71 -13.87
N GLY A 260 -19.71 29.23 -12.65
CA GLY A 260 -19.87 27.81 -12.47
C GLY A 260 -19.28 27.34 -11.18
N HIS A 261 -18.16 27.94 -10.76
CA HIS A 261 -17.62 27.59 -9.44
C HIS A 261 -18.63 28.03 -8.37
N SER A 262 -18.72 27.30 -7.27
CA SER A 262 -19.68 27.67 -6.21
C SER A 262 -19.01 28.36 -5.03
N SER A 263 -17.70 28.56 -5.13
CA SER A 263 -16.96 29.31 -4.13
CA SER A 263 -16.98 29.35 -4.14
C SER A 263 -15.81 30.08 -4.80
N SER A 264 -15.04 30.76 -3.98
CA SER A 264 -13.92 31.59 -4.43
C SER A 264 -13.04 30.85 -5.41
N VAL A 265 -12.62 31.54 -6.46
CA VAL A 265 -11.64 30.99 -7.38
C VAL A 265 -10.24 31.49 -7.00
N ASN A 266 -9.31 30.56 -6.82
CA ASN A 266 -7.98 30.85 -6.32
C ASN A 266 -6.88 31.00 -7.39
N GLY A 267 -7.03 30.29 -8.49
CA GLY A 267 -5.96 30.25 -9.47
C GLY A 267 -6.54 30.02 -10.84
N VAL A 268 -5.82 30.46 -11.87
CA VAL A 268 -6.27 30.28 -13.22
C VAL A 268 -5.02 30.10 -14.08
N ALA A 269 -5.10 29.28 -15.12
CA ALA A 269 -3.94 29.00 -15.99
C ALA A 269 -4.44 28.72 -17.39
N PHE A 270 -3.68 29.13 -18.41
CA PHE A 270 -3.98 28.81 -19.80
C PHE A 270 -3.14 27.59 -20.22
N ARG A 271 -3.72 26.68 -21.00
CA ARG A 271 -2.91 25.62 -21.60
C ARG A 271 -1.95 26.33 -22.58
N PRO A 272 -0.69 25.87 -22.67
CA PRO A 272 0.36 26.55 -23.46
C PRO A 272 0.05 26.78 -24.93
N ASP A 273 -0.86 26.02 -25.51
CA ASP A 273 -1.31 26.34 -26.86
C ASP A 273 -2.49 27.32 -26.84
N GLY A 274 -2.92 27.74 -25.65
CA GLY A 274 -4.06 28.64 -25.50
C GLY A 274 -5.45 28.14 -25.85
N GLN A 275 -5.62 26.83 -25.99
CA GLN A 275 -6.93 26.32 -26.39
C GLN A 275 -7.89 25.99 -25.23
N THR A 276 -7.38 25.83 -24.02
CA THR A 276 -8.26 25.65 -22.85
C THR A 276 -7.75 26.47 -21.68
N ILE A 277 -8.60 26.69 -20.67
CA ILE A 277 -8.26 27.43 -19.45
C ILE A 277 -8.59 26.53 -18.27
N ALA A 278 -7.74 26.50 -17.26
CA ALA A 278 -8.07 25.78 -16.05
C ALA A 278 -8.23 26.73 -14.89
N SER A 279 -9.18 26.44 -13.99
CA SER A 279 -9.34 27.27 -12.79
C SER A 279 -9.46 26.38 -11.57
N ALA A 280 -8.95 26.86 -10.45
CA ALA A 280 -8.93 26.13 -9.18
C ALA A 280 -9.74 26.88 -8.17
N SER A 281 -10.56 26.18 -7.38
CA SER A 281 -11.49 26.84 -6.49
C SER A 281 -11.59 26.29 -5.07
N ASP A 282 -12.02 27.15 -4.14
CA ASP A 282 -12.37 26.76 -2.78
C ASP A 282 -13.53 25.75 -2.79
N ASP A 283 -14.23 25.64 -3.92
CA ASP A 283 -15.29 24.64 -4.01
C ASP A 283 -14.77 23.22 -4.20
N LYS A 284 -13.44 23.08 -4.08
CA LYS A 284 -12.73 21.80 -4.13
C LYS A 284 -12.60 21.21 -5.53
N THR A 285 -12.86 22.00 -6.56
CA THR A 285 -12.78 21.49 -7.93
C THR A 285 -11.77 22.23 -8.81
N VAL A 286 -11.34 21.55 -9.87
CA VAL A 286 -10.67 22.25 -10.97
C VAL A 286 -11.66 22.24 -12.12
N LYS A 287 -11.86 23.37 -12.79
CA LYS A 287 -12.71 23.40 -13.96
C LYS A 287 -11.91 23.73 -15.22
N LEU A 288 -12.24 23.04 -16.30
CA LEU A 288 -11.59 23.22 -17.58
C LEU A 288 -12.62 23.79 -18.52
N TRP A 289 -12.21 24.87 -19.22
CA TRP A 289 -13.09 25.66 -20.07
C TRP A 289 -12.42 25.84 -21.44
N ASN A 290 -13.23 26.04 -22.48
CA ASN A 290 -12.69 26.44 -23.78
C ASN A 290 -12.60 27.94 -23.92
N ARG A 291 -12.15 28.40 -25.09
CA ARG A 291 -11.99 29.83 -25.32
C ARG A 291 -13.27 30.52 -25.75
N ASN A 292 -14.39 29.84 -25.57
CA ASN A 292 -15.70 30.43 -25.83
C ASN A 292 -16.58 30.53 -24.59
N GLY A 293 -16.00 30.30 -23.41
CA GLY A 293 -16.78 30.39 -22.20
C GLY A 293 -17.58 29.17 -21.80
N GLN A 294 -17.32 28.04 -22.47
CA GLN A 294 -18.05 26.82 -22.15
C GLN A 294 -17.23 25.92 -21.26
N LEU A 295 -17.92 25.28 -20.30
CA LEU A 295 -17.28 24.34 -19.39
C LEU A 295 -17.03 23.03 -20.11
N LEU A 296 -15.78 22.56 -20.10
CA LEU A 296 -15.46 21.31 -20.74
C LEU A 296 -15.59 20.21 -19.71
N GLN A 297 -15.11 20.48 -18.50
CA GLN A 297 -15.04 19.39 -17.53
C GLN A 297 -14.72 19.85 -16.12
N THR A 298 -15.25 19.13 -15.14
CA THR A 298 -14.91 19.41 -13.77
C THR A 298 -14.11 18.24 -13.18
N LEU A 299 -12.95 18.55 -12.60
CA LEU A 299 -12.15 17.58 -11.85
C LEU A 299 -12.60 17.68 -10.40
N THR A 300 -13.40 16.69 -10.00
CA THR A 300 -14.03 16.72 -8.68
C THR A 300 -14.15 15.31 -8.16
N GLY A 301 -14.29 15.19 -6.85
CA GLY A 301 -14.46 13.87 -6.23
C GLY A 301 -15.08 14.09 -4.86
N HIS A 302 -15.41 13.01 -4.15
CA HIS A 302 -16.01 13.19 -2.83
C HIS A 302 -15.02 13.73 -1.82
N SER A 303 -15.54 14.47 -0.85
CA SER A 303 -14.70 15.09 0.15
C SER A 303 -14.73 14.27 1.45
N SER A 304 -15.47 13.17 1.42
CA SER A 304 -15.53 12.28 2.58
C SER A 304 -15.80 10.82 2.15
N SER A 305 -15.96 9.92 3.10
CA SER A 305 -16.15 8.50 2.80
C SER A 305 -17.22 8.25 1.75
N VAL A 306 -16.98 7.29 0.85
CA VAL A 306 -17.99 6.86 -0.09
C VAL A 306 -18.62 5.55 0.39
N TRP A 307 -19.92 5.60 0.66
CA TRP A 307 -20.62 4.48 1.33
C TRP A 307 -21.33 3.57 0.33
N GLY A 308 -21.57 4.04 -0.87
CA GLY A 308 -22.32 3.23 -1.82
C GLY A 308 -21.97 3.50 -3.27
N VAL A 309 -22.27 2.54 -4.12
CA VAL A 309 -21.93 2.72 -5.52
C VAL A 309 -22.94 1.94 -6.35
N ALA A 310 -23.20 2.39 -7.57
CA ALA A 310 -24.11 1.67 -8.46
C ALA A 310 -23.67 1.87 -9.88
N PHE A 311 -23.91 0.86 -10.71
CA PHE A 311 -23.65 0.95 -12.14
C PHE A 311 -24.96 1.10 -12.87
N SER A 312 -25.04 1.99 -13.85
CA SER A 312 -26.30 2.09 -14.59
CA SER A 312 -26.28 2.11 -14.61
C SER A 312 -26.48 0.91 -15.53
N PRO A 313 -27.74 0.52 -15.77
CA PRO A 313 -27.98 -0.51 -16.78
C PRO A 313 -27.51 -0.06 -18.19
N ASP A 314 -27.26 1.24 -18.39
CA ASP A 314 -26.74 1.66 -19.70
C ASP A 314 -25.26 1.30 -19.82
N GLY A 315 -24.64 0.90 -18.72
CA GLY A 315 -23.27 0.43 -18.74
C GLY A 315 -22.24 1.55 -18.86
N GLN A 316 -22.70 2.78 -19.03
CA GLN A 316 -21.75 3.86 -19.21
C GLN A 316 -21.67 4.82 -18.01
N THR A 317 -22.55 4.64 -17.03
CA THR A 317 -22.62 5.60 -15.93
C THR A 317 -22.47 4.87 -14.60
N ILE A 318 -21.75 5.50 -13.68
CA ILE A 318 -21.57 5.00 -12.34
C ILE A 318 -22.02 6.10 -11.38
N ALA A 319 -22.67 5.73 -10.28
CA ALA A 319 -23.08 6.67 -9.25
C ALA A 319 -22.40 6.30 -7.94
N SER A 320 -21.96 7.31 -7.21
CA SER A 320 -21.35 7.10 -5.90
C SER A 320 -22.08 7.91 -4.87
N ALA A 321 -22.23 7.37 -3.66
CA ALA A 321 -22.96 8.05 -2.62
C ALA A 321 -22.03 8.30 -1.45
N SER A 322 -22.04 9.48 -0.85
CA SER A 322 -20.98 9.84 0.09
C SER A 322 -21.43 10.50 1.42
N ASP A 323 -20.59 10.34 2.44
CA ASP A 323 -20.77 11.05 3.69
C ASP A 323 -20.73 12.58 3.51
N ASP A 324 -20.20 13.03 2.36
CA ASP A 324 -20.16 14.46 2.07
C ASP A 324 -21.50 15.06 1.62
N LYS A 325 -22.54 14.22 1.68
CA LYS A 325 -23.94 14.62 1.43
C LYS A 325 -24.32 14.75 -0.02
N THR A 326 -23.45 14.26 -0.91
CA THR A 326 -23.71 14.31 -2.34
C THR A 326 -23.71 12.93 -3.00
N VAL A 327 -24.37 12.86 -4.15
CA VAL A 327 -24.16 11.75 -5.06
C VAL A 327 -23.39 12.27 -6.25
N LYS A 328 -22.42 11.51 -6.76
CA LYS A 328 -21.76 11.93 -7.97
C LYS A 328 -21.97 10.91 -9.08
N LEU A 329 -22.15 11.40 -10.32
CA LEU A 329 -22.28 10.56 -11.51
C LEU A 329 -21.01 10.71 -12.37
N TRP A 330 -20.54 9.57 -12.83
CA TRP A 330 -19.28 9.43 -13.55
C TRP A 330 -19.48 8.59 -14.79
N ASN A 331 -18.66 8.79 -15.82
CA ASN A 331 -18.67 7.84 -16.94
C ASN A 331 -17.63 6.74 -16.74
N ARG A 332 -17.57 5.81 -17.68
CA ARG A 332 -16.66 4.69 -17.51
C ARG A 332 -15.21 5.02 -17.80
N ASN A 333 -14.97 6.27 -18.18
CA ASN A 333 -13.62 6.74 -18.38
C ASN A 333 -13.11 7.47 -17.15
N GLY A 334 -13.90 7.42 -16.08
CA GLY A 334 -13.46 8.05 -14.84
C GLY A 334 -13.68 9.55 -14.84
N GLN A 335 -14.52 10.05 -15.76
CA GLN A 335 -14.79 11.49 -15.82
C GLN A 335 -16.08 11.84 -15.10
N HIS A 336 -16.03 12.92 -14.31
CA HIS A 336 -17.24 13.40 -13.63
C HIS A 336 -18.29 13.90 -14.59
N LEU A 337 -19.55 13.49 -14.40
CA LEU A 337 -20.63 14.01 -15.22
C LEU A 337 -21.50 14.94 -14.43
N GLN A 338 -21.73 14.64 -13.15
CA GLN A 338 -22.77 15.43 -12.46
C GLN A 338 -22.71 15.26 -10.96
N THR A 339 -22.98 16.31 -10.19
CA THR A 339 -23.03 16.20 -8.73
C THR A 339 -24.47 16.52 -8.32
N LEU A 340 -25.05 15.67 -7.48
CA LEU A 340 -26.43 15.74 -6.98
C LEU A 340 -26.43 16.24 -5.54
N THR A 341 -26.89 17.49 -5.37
CA THR A 341 -26.81 18.20 -4.11
C THR A 341 -28.19 18.51 -3.55
N GLY A 342 -28.33 18.38 -2.23
CA GLY A 342 -29.59 18.74 -1.61
C GLY A 342 -29.89 17.99 -0.34
N HIS A 343 -29.35 16.77 -0.21
CA HIS A 343 -29.49 16.03 1.06
C HIS A 343 -28.86 16.83 2.18
N SER A 344 -29.40 16.73 3.40
CA SER A 344 -28.84 17.54 4.49
CA SER A 344 -28.97 17.50 4.55
C SER A 344 -28.02 16.69 5.45
N SER A 345 -27.78 15.43 5.09
CA SER A 345 -26.84 14.59 5.82
C SER A 345 -26.23 13.52 4.88
N SER A 346 -25.39 12.64 5.43
CA SER A 346 -24.75 11.57 4.66
CA SER A 346 -24.75 11.57 4.66
C SER A 346 -25.69 10.78 3.74
N VAL A 347 -25.19 10.42 2.58
CA VAL A 347 -25.89 9.54 1.65
C VAL A 347 -25.26 8.12 1.75
N TRP A 348 -26.09 7.17 2.18
CA TRP A 348 -25.67 5.80 2.45
C TRP A 348 -25.90 4.85 1.26
N GLY A 349 -26.79 5.21 0.35
CA GLY A 349 -27.12 4.29 -0.73
C GLY A 349 -27.54 5.05 -1.97
N VAL A 350 -27.35 4.41 -3.11
CA VAL A 350 -27.70 5.00 -4.40
C VAL A 350 -28.10 3.86 -5.34
N ALA A 351 -29.03 4.15 -6.25
CA ALA A 351 -29.50 3.16 -7.21
C ALA A 351 -29.97 3.83 -8.50
N PHE A 352 -29.82 3.15 -9.63
CA PHE A 352 -30.33 3.59 -10.93
C PHE A 352 -31.65 2.92 -11.29
N SER A 353 -32.54 3.65 -11.95
CA SER A 353 -33.70 3.00 -12.56
C SER A 353 -33.26 2.11 -13.74
N PRO A 354 -34.10 1.14 -14.12
CA PRO A 354 -33.78 0.23 -15.22
C PRO A 354 -33.43 0.92 -16.54
N ASP A 355 -33.96 2.14 -16.78
CA ASP A 355 -33.61 2.84 -18.01
C ASP A 355 -32.41 3.77 -17.85
N GLY A 356 -31.87 3.81 -16.64
CA GLY A 356 -30.69 4.62 -16.35
C GLY A 356 -30.93 6.12 -16.25
N GLN A 357 -32.18 6.58 -16.37
CA GLN A 357 -32.45 8.03 -16.40
C GLN A 357 -32.75 8.65 -15.05
N THR A 358 -33.12 7.82 -14.07
CA THR A 358 -33.44 8.33 -12.74
C THR A 358 -32.49 7.72 -11.74
N ILE A 359 -32.10 8.52 -10.76
CA ILE A 359 -31.24 8.07 -9.70
C ILE A 359 -32.02 8.19 -8.38
N ALA A 360 -31.92 7.18 -7.52
CA ALA A 360 -32.45 7.28 -6.15
C ALA A 360 -31.32 7.26 -5.13
N SER A 361 -31.45 8.09 -4.09
CA SER A 361 -30.42 8.17 -3.05
C SER A 361 -31.07 8.02 -1.68
N ALA A 362 -30.39 7.32 -0.78
CA ALA A 362 -30.90 7.13 0.58
C ALA A 362 -29.99 7.85 1.57
N SER A 363 -30.57 8.59 2.50
CA SER A 363 -29.79 9.47 3.35
C SER A 363 -30.08 9.38 4.85
N ASP A 364 -29.06 9.73 5.64
CA ASP A 364 -29.16 9.92 7.06
C ASP A 364 -30.17 11.02 7.43
N ASP A 365 -30.55 11.85 6.45
CA ASP A 365 -31.51 12.92 6.70
C ASP A 365 -32.93 12.40 6.73
N LYS A 366 -33.04 11.07 6.66
CA LYS A 366 -34.29 10.32 6.76
C LYS A 366 -35.14 10.34 5.49
N THR A 367 -34.56 10.76 4.35
CA THR A 367 -35.34 10.83 3.12
C THR A 367 -34.72 9.98 2.03
N VAL A 368 -35.53 9.59 1.05
CA VAL A 368 -34.98 9.16 -0.21
C VAL A 368 -35.19 10.29 -1.20
N LYS A 369 -34.20 10.57 -2.05
CA LYS A 369 -34.47 11.57 -3.08
C LYS A 369 -34.36 10.94 -4.48
N LEU A 370 -35.19 11.44 -5.41
CA LEU A 370 -35.16 11.01 -6.82
C LEU A 370 -34.67 12.17 -7.68
N TRP A 371 -33.76 11.84 -8.60
CA TRP A 371 -33.08 12.81 -9.45
C TRP A 371 -33.05 12.41 -10.92
N ASN A 372 -32.93 13.39 -11.82
CA ASN A 372 -32.62 13.05 -13.21
C ASN A 372 -31.12 13.14 -13.50
N ARG A 373 -30.70 12.69 -14.67
CA ARG A 373 -29.27 12.67 -15.02
C ARG A 373 -28.68 14.06 -15.15
N ASN A 374 -29.50 15.08 -15.27
CA ASN A 374 -28.97 16.44 -15.38
C ASN A 374 -28.74 17.02 -14.02
N GLY A 375 -29.12 16.29 -12.99
CA GLY A 375 -28.87 16.72 -11.64
C GLY A 375 -30.08 17.36 -10.97
N GLN A 376 -31.23 17.39 -11.65
CA GLN A 376 -32.41 18.03 -11.05
C GLN A 376 -33.03 17.12 -10.01
N LEU A 377 -33.34 17.68 -8.84
CA LEU A 377 -34.14 16.97 -7.84
C LEU A 377 -35.59 16.89 -8.31
N LEU A 378 -36.13 15.68 -8.38
CA LEU A 378 -37.46 15.43 -8.89
C LEU A 378 -38.44 15.18 -7.76
N GLN A 379 -37.97 14.55 -6.69
CA GLN A 379 -38.91 14.23 -5.62
C GLN A 379 -38.20 13.90 -4.34
N THR A 380 -38.79 14.25 -3.21
CA THR A 380 -38.34 13.78 -1.90
C THR A 380 -39.38 12.81 -1.32
N LEU A 381 -38.90 11.64 -0.89
CA LEU A 381 -39.70 10.59 -0.26
C LEU A 381 -39.52 10.67 1.23
N THR A 382 -40.59 11.12 1.93
CA THR A 382 -40.57 11.30 3.37
C THR A 382 -41.47 10.31 4.03
N GLY A 383 -41.06 9.83 5.19
CA GLY A 383 -41.83 8.80 5.88
C GLY A 383 -41.07 7.96 6.86
N HIS A 384 -39.83 7.65 6.56
CA HIS A 384 -39.02 6.92 7.51
C HIS A 384 -38.79 7.76 8.76
N SER A 385 -38.63 7.11 9.92
CA SER A 385 -38.44 7.85 11.17
CA SER A 385 -38.44 7.87 11.16
C SER A 385 -36.99 7.95 11.60
N SER A 386 -36.08 7.39 10.78
CA SER A 386 -34.66 7.44 11.08
C SER A 386 -33.87 7.31 9.80
N SER A 387 -32.55 7.22 9.92
CA SER A 387 -31.66 7.17 8.77
C SER A 387 -32.09 6.16 7.72
N VAL A 388 -31.97 6.53 6.43
CA VAL A 388 -32.17 5.57 5.36
C VAL A 388 -30.82 5.06 4.88
N ARG A 389 -30.68 3.75 4.87
CA ARG A 389 -29.40 3.08 4.65
C ARG A 389 -29.21 2.44 3.28
N GLY A 390 -30.32 2.17 2.59
CA GLY A 390 -30.24 1.47 1.33
C GLY A 390 -31.44 1.79 0.47
N VAL A 391 -31.28 1.63 -0.84
CA VAL A 391 -32.37 1.94 -1.76
C VAL A 391 -32.23 1.08 -3.02
N ALA A 392 -33.35 0.75 -3.67
CA ALA A 392 -33.31 -0.02 -4.91
C ALA A 392 -34.52 0.30 -5.77
N PHE A 393 -34.39 0.16 -7.10
CA PHE A 393 -35.55 0.24 -7.99
C PHE A 393 -36.01 -1.15 -8.35
N SER A 394 -37.32 -1.31 -8.52
CA SER A 394 -37.88 -2.55 -9.06
C SER A 394 -37.46 -2.68 -10.51
N PRO A 395 -37.48 -3.92 -11.04
CA PRO A 395 -37.19 -4.16 -12.47
C PRO A 395 -38.13 -3.38 -13.37
N ASP A 396 -39.33 -3.03 -12.90
CA ASP A 396 -40.27 -2.27 -13.73
C ASP A 396 -40.04 -0.74 -13.65
N GLY A 397 -39.11 -0.34 -12.80
CA GLY A 397 -38.68 1.06 -12.67
C GLY A 397 -39.65 2.01 -12.01
N GLN A 398 -40.80 1.50 -11.58
CA GLN A 398 -41.83 2.38 -11.01
C GLN A 398 -41.98 2.28 -9.49
N THR A 399 -41.28 1.34 -8.86
CA THR A 399 -41.38 1.20 -7.42
C THR A 399 -39.98 1.38 -6.87
N ILE A 400 -39.88 2.10 -5.77
CA ILE A 400 -38.62 2.31 -5.11
C ILE A 400 -38.65 1.64 -3.73
N ALA A 401 -37.59 0.92 -3.37
CA ALA A 401 -37.54 0.29 -2.04
C ALA A 401 -36.49 0.98 -1.20
N SER A 402 -36.81 1.29 0.05
CA SER A 402 -35.85 1.93 0.93
C SER A 402 -35.74 1.15 2.23
N ALA A 403 -34.53 1.03 2.75
CA ALA A 403 -34.29 0.31 4.02
C ALA A 403 -33.79 1.29 5.05
N SER A 404 -34.31 1.19 6.27
CA SER A 404 -34.05 2.21 7.30
C SER A 404 -33.71 1.69 8.71
N ASP A 405 -32.99 2.52 9.45
CA ASP A 405 -32.76 2.31 10.88
C ASP A 405 -34.06 2.15 11.67
N ASP A 406 -35.18 2.61 11.10
CA ASP A 406 -36.48 2.50 11.78
C ASP A 406 -37.07 1.08 11.71
N LYS A 407 -36.25 0.13 11.24
CA LYS A 407 -36.58 -1.29 11.20
CA LYS A 407 -36.56 -1.29 11.19
C LYS A 407 -37.54 -1.68 10.08
N THR A 408 -37.80 -0.76 9.15
CA THR A 408 -38.72 -1.10 8.07
C THR A 408 -38.08 -1.05 6.69
N VAL A 409 -38.70 -1.75 5.75
CA VAL A 409 -38.46 -1.41 4.34
C VAL A 409 -39.72 -0.73 3.84
N LYS A 410 -39.59 0.38 3.11
CA LYS A 410 -40.77 1.01 2.48
C LYS A 410 -40.71 0.95 0.98
N LEU A 411 -41.87 0.75 0.34
CA LEU A 411 -42.05 0.71 -1.11
C LEU A 411 -42.86 1.93 -1.51
N TRP A 412 -42.35 2.67 -2.50
CA TRP A 412 -42.90 3.96 -2.89
C TRP A 412 -43.08 4.07 -4.39
N ASN A 413 -44.01 4.90 -4.83
CA ASN A 413 -44.04 5.27 -6.24
C ASN A 413 -43.22 6.54 -6.47
N ARG A 414 -43.12 6.98 -7.73
CA ARG A 414 -42.23 8.08 -8.03
C ARG A 414 -42.78 9.43 -7.57
N ASN A 415 -44.04 9.45 -7.15
CA ASN A 415 -44.55 10.69 -6.57
C ASN A 415 -44.29 10.67 -5.06
N GLY A 416 -43.60 9.63 -4.58
CA GLY A 416 -43.31 9.58 -3.16
C GLY A 416 -44.52 9.18 -2.33
N GLN A 417 -45.50 8.54 -2.96
CA GLN A 417 -46.61 7.97 -2.21
C GLN A 417 -46.18 6.59 -1.72
N LEU A 418 -46.51 6.28 -0.46
CA LEU A 418 -46.16 5.00 0.13
C LEU A 418 -47.09 3.89 -0.35
N LEU A 419 -46.53 2.85 -0.96
CA LEU A 419 -47.33 1.76 -1.50
C LEU A 419 -47.41 0.65 -0.48
N GLN A 420 -46.34 0.48 0.28
CA GLN A 420 -46.26 -0.68 1.19
C GLN A 420 -45.14 -0.55 2.21
N THR A 421 -45.39 -0.96 3.45
CA THR A 421 -44.34 -1.07 4.45
C THR A 421 -44.14 -2.55 4.77
N LEU A 422 -42.88 -2.96 4.90
CA LEU A 422 -42.50 -4.31 5.28
C LEU A 422 -41.97 -4.23 6.70
N THR A 423 -42.71 -4.85 7.63
CA THR A 423 -42.36 -4.83 9.05
C THR A 423 -42.06 -6.25 9.46
N GLY A 424 -41.06 -6.43 10.32
CA GLY A 424 -40.73 -7.77 10.75
C GLY A 424 -39.32 -7.84 11.29
N HIS A 425 -38.40 -7.03 10.76
CA HIS A 425 -37.05 -6.96 11.32
C HIS A 425 -37.11 -6.37 12.73
N SER A 426 -36.17 -6.76 13.59
CA SER A 426 -36.17 -6.30 14.97
C SER A 426 -35.04 -5.32 15.21
N SER A 427 -34.36 -4.95 14.14
CA SER A 427 -33.36 -3.90 14.22
C SER A 427 -33.20 -3.20 12.87
N SER A 428 -32.21 -2.31 12.77
CA SER A 428 -31.99 -1.50 11.58
C SER A 428 -31.91 -2.35 10.31
N VAL A 429 -32.44 -1.83 9.20
CA VAL A 429 -32.32 -2.50 7.90
C VAL A 429 -31.33 -1.73 7.09
N TRP A 430 -30.27 -2.41 6.62
CA TRP A 430 -29.16 -1.77 5.92
C TRP A 430 -29.09 -2.02 4.45
N GLY A 431 -29.75 -3.06 3.97
CA GLY A 431 -29.63 -3.41 2.56
C GLY A 431 -30.98 -3.85 2.01
N VAL A 432 -31.19 -3.64 0.73
CA VAL A 432 -32.44 -4.09 0.15
C VAL A 432 -32.16 -4.38 -1.31
N ALA A 433 -32.86 -5.37 -1.85
CA ALA A 433 -32.67 -5.71 -3.25
C ALA A 433 -33.95 -6.29 -3.78
N PHE A 434 -34.26 -6.05 -5.05
CA PHE A 434 -35.42 -6.66 -5.68
C PHE A 434 -34.95 -7.87 -6.44
N SER A 435 -35.79 -8.90 -6.51
CA SER A 435 -35.46 -10.07 -7.32
CA SER A 435 -35.49 -10.08 -7.32
C SER A 435 -35.83 -9.80 -8.77
N PRO A 436 -35.10 -10.43 -9.71
CA PRO A 436 -35.49 -10.32 -11.11
C PRO A 436 -36.82 -11.02 -11.41
N ASP A 437 -37.33 -11.83 -10.48
CA ASP A 437 -38.66 -12.45 -10.67
C ASP A 437 -39.79 -11.44 -10.69
N ASP A 438 -39.48 -10.18 -10.39
CA ASP A 438 -40.48 -9.11 -10.41
C ASP A 438 -41.60 -9.42 -9.42
N GLN A 439 -41.29 -10.16 -8.35
CA GLN A 439 -42.31 -10.48 -7.35
C GLN A 439 -41.86 -10.29 -5.90
N THR A 440 -40.58 -10.54 -5.68
CA THR A 440 -40.04 -10.64 -4.32
C THR A 440 -38.93 -9.62 -4.03
N ILE A 441 -38.75 -9.31 -2.75
CA ILE A 441 -37.74 -8.37 -2.27
C ILE A 441 -36.93 -9.00 -1.17
N ALA A 442 -35.64 -8.71 -1.11
CA ALA A 442 -34.81 -9.12 0.04
C ALA A 442 -34.31 -7.93 0.86
N SER A 443 -34.27 -8.10 2.17
CA SER A 443 -33.75 -7.07 3.07
C SER A 443 -32.69 -7.68 4.01
N ALA A 444 -31.66 -6.90 4.35
CA ALA A 444 -30.62 -7.37 5.25
C ALA A 444 -30.62 -6.48 6.47
N SER A 445 -30.56 -7.07 7.67
CA SER A 445 -30.69 -6.31 8.92
C SER A 445 -29.62 -6.51 10.00
N ASP A 446 -29.48 -5.50 10.85
CA ASP A 446 -28.61 -5.60 12.01
CA ASP A 446 -28.63 -5.56 12.05
C ASP A 446 -29.11 -6.68 12.97
N ASP A 447 -30.35 -7.15 12.76
CA ASP A 447 -30.86 -8.25 13.61
C ASP A 447 -30.29 -9.62 13.22
N LYS A 448 -29.32 -9.62 12.31
CA LYS A 448 -28.55 -10.83 11.90
C LYS A 448 -29.26 -11.70 10.86
N THR A 449 -30.33 -11.19 10.26
CA THR A 449 -31.06 -11.97 9.29
C THR A 449 -31.20 -11.29 7.96
N VAL A 450 -31.50 -12.09 6.94
CA VAL A 450 -32.09 -11.55 5.70
C VAL A 450 -33.55 -11.98 5.61
N LYS A 451 -34.44 -11.13 5.16
CA LYS A 451 -35.82 -11.55 4.99
C LYS A 451 -36.23 -11.43 3.53
N LEU A 452 -37.09 -12.35 3.11
CA LEU A 452 -37.59 -12.42 1.75
C LEU A 452 -39.07 -12.18 1.81
N TRP A 453 -39.53 -11.28 0.96
CA TRP A 453 -40.92 -10.82 1.02
C TRP A 453 -41.50 -10.82 -0.37
N ASN A 454 -42.80 -10.96 -0.48
CA ASN A 454 -43.39 -10.62 -1.76
CA ASN A 454 -43.54 -10.66 -1.69
C ASN A 454 -43.79 -9.16 -1.74
N ARG A 455 -43.96 -8.59 -2.93
CA ARG A 455 -44.19 -7.15 -3.00
C ARG A 455 -45.55 -6.72 -2.48
N ASN A 456 -46.39 -7.68 -2.10
CA ASN A 456 -47.66 -7.34 -1.45
C ASN A 456 -47.49 -7.18 0.05
N GLY A 457 -46.26 -7.31 0.51
CA GLY A 457 -45.93 -7.11 1.91
C GLY A 457 -45.80 -8.35 2.80
N GLN A 458 -46.13 -9.53 2.29
CA GLN A 458 -46.07 -10.74 3.13
C GLN A 458 -44.65 -11.24 3.29
N LEU A 459 -44.26 -11.52 4.52
CA LEU A 459 -42.95 -12.10 4.78
C LEU A 459 -42.97 -13.55 4.29
N LEU A 460 -42.02 -13.92 3.44
CA LEU A 460 -42.02 -15.28 2.89
C LEU A 460 -41.02 -16.18 3.57
N GLN A 461 -39.89 -15.62 3.96
CA GLN A 461 -38.83 -16.48 4.51
C GLN A 461 -37.80 -15.68 5.27
N THR A 462 -37.34 -16.22 6.40
CA THR A 462 -36.19 -15.61 7.09
C THR A 462 -34.96 -16.47 6.92
N LEU A 463 -33.82 -15.84 6.64
CA LEU A 463 -32.53 -16.49 6.44
C LEU A 463 -31.68 -16.25 7.68
N THR A 464 -31.50 -17.33 8.45
CA THR A 464 -30.81 -17.32 9.74
C THR A 464 -29.51 -18.12 9.65
N GLY A 465 -28.45 -17.60 10.25
CA GLY A 465 -27.14 -18.26 10.19
C GLY A 465 -25.98 -17.32 10.47
N HIS A 466 -26.08 -16.08 10.02
CA HIS A 466 -25.07 -15.09 10.36
C HIS A 466 -25.00 -14.85 11.89
N SER A 467 -23.79 -14.64 12.41
CA SER A 467 -23.65 -14.45 13.86
C SER A 467 -23.51 -12.96 14.22
N SER A 468 -23.67 -12.11 13.21
CA SER A 468 -23.67 -10.68 13.47
C SER A 468 -24.45 -9.91 12.40
N SER A 469 -24.48 -8.59 12.51
CA SER A 469 -25.26 -7.76 11.57
C SER A 469 -25.07 -8.13 10.11
N VAL A 470 -26.15 -8.08 9.35
CA VAL A 470 -26.07 -8.27 7.92
C VAL A 470 -26.32 -6.93 7.23
N ARG A 471 -25.38 -6.48 6.42
CA ARG A 471 -25.55 -5.16 5.81
C ARG A 471 -25.60 -5.15 4.30
N GLY A 472 -25.38 -6.28 3.66
CA GLY A 472 -25.52 -6.32 2.21
C GLY A 472 -26.32 -7.52 1.78
N VAL A 473 -27.06 -7.39 0.67
CA VAL A 473 -27.83 -8.50 0.11
C VAL A 473 -27.91 -8.36 -1.42
N ALA A 474 -27.96 -9.48 -2.12
CA ALA A 474 -28.05 -9.47 -3.59
C ALA A 474 -28.72 -10.75 -4.08
N PHE A 475 -29.39 -10.69 -5.23
CA PHE A 475 -29.94 -11.89 -5.87
C PHE A 475 -29.07 -12.28 -7.02
N SER A 476 -29.00 -13.58 -7.33
CA SER A 476 -28.36 -14.04 -8.56
C SER A 476 -29.20 -13.61 -9.75
N PRO A 477 -28.61 -13.62 -10.96
CA PRO A 477 -29.39 -13.27 -12.14
C PRO A 477 -30.67 -14.10 -12.34
N ASP A 478 -30.68 -15.39 -11.98
CA ASP A 478 -31.91 -16.18 -12.13
C ASP A 478 -32.84 -16.04 -10.92
N GLY A 479 -32.43 -15.23 -9.95
CA GLY A 479 -33.22 -14.97 -8.76
C GLY A 479 -33.35 -16.14 -7.81
N GLN A 480 -32.63 -17.22 -8.07
CA GLN A 480 -32.79 -18.44 -7.27
C GLN A 480 -31.80 -18.55 -6.11
N THR A 481 -30.78 -17.71 -6.12
CA THR A 481 -29.78 -17.73 -5.07
C THR A 481 -29.72 -16.34 -4.47
N ILE A 482 -29.62 -16.29 -3.15
CA ILE A 482 -29.47 -15.01 -2.46
C ILE A 482 -28.08 -14.97 -1.81
N ALA A 483 -27.39 -13.83 -1.89
CA ALA A 483 -26.12 -13.65 -1.18
C ALA A 483 -26.27 -12.57 -0.12
N SER A 484 -25.68 -12.80 1.05
CA SER A 484 -25.71 -11.84 2.14
C SER A 484 -24.31 -11.54 2.66
N ALA A 485 -24.08 -10.28 3.04
CA ALA A 485 -22.78 -9.88 3.58
C ALA A 485 -22.93 -9.42 5.04
N SER A 486 -22.05 -9.89 5.91
CA SER A 486 -22.24 -9.69 7.35
C SER A 486 -21.00 -9.18 8.10
N ASP A 487 -21.27 -8.51 9.20
CA ASP A 487 -20.23 -8.14 10.16
C ASP A 487 -19.48 -9.36 10.72
N ASP A 488 -20.01 -10.57 10.53
CA ASP A 488 -19.32 -11.77 11.02
C ASP A 488 -18.15 -12.21 10.13
N LYS A 489 -17.84 -11.40 9.11
CA LYS A 489 -16.69 -11.62 8.20
C LYS A 489 -16.94 -12.61 7.06
N THR A 490 -18.19 -13.01 6.88
CA THR A 490 -18.51 -13.97 5.82
C THR A 490 -19.52 -13.42 4.83
N VAL A 491 -19.55 -14.03 3.65
CA VAL A 491 -20.71 -13.90 2.78
C VAL A 491 -21.43 -15.26 2.82
N LYS A 492 -22.76 -15.28 2.88
CA LYS A 492 -23.43 -16.58 2.78
C LYS A 492 -24.33 -16.63 1.55
N LEU A 493 -24.48 -17.83 0.98
CA LEU A 493 -25.34 -18.07 -0.17
C LEU A 493 -26.43 -19.03 0.21
N TRP A 494 -27.65 -18.65 -0.18
CA TRP A 494 -28.90 -19.31 0.24
C TRP A 494 -29.85 -19.59 -0.93
N ASN A 495 -30.73 -20.58 -0.75
CA ASN A 495 -31.85 -20.76 -1.67
C ASN A 495 -33.10 -20.07 -1.11
N ARG A 496 -34.18 -20.02 -1.90
CA ARG A 496 -35.35 -19.25 -1.49
C ARG A 496 -36.10 -19.92 -0.33
N ASN A 497 -35.69 -21.12 0.04
CA ASN A 497 -36.27 -21.77 1.20
C ASN A 497 -35.49 -21.50 2.49
N GLY A 498 -34.43 -20.70 2.41
CA GLY A 498 -33.69 -20.34 3.60
C GLY A 498 -32.64 -21.36 3.98
N GLN A 499 -32.41 -22.33 3.10
CA GLN A 499 -31.31 -23.27 3.26
C GLN A 499 -30.00 -22.61 2.89
N LEU A 500 -28.98 -22.82 3.73
CA LEU A 500 -27.64 -22.29 3.48
C LEU A 500 -26.91 -23.19 2.48
N LEU A 501 -26.45 -22.62 1.37
CA LEU A 501 -25.80 -23.40 0.31
C LEU A 501 -24.29 -23.34 0.44
N GLN A 502 -23.80 -22.17 0.85
CA GLN A 502 -22.34 -22.03 0.90
C GLN A 502 -21.95 -20.87 1.79
N THR A 503 -20.80 -20.96 2.44
CA THR A 503 -20.25 -19.84 3.21
C THR A 503 -18.90 -19.46 2.62
N LEU A 504 -18.73 -18.17 2.33
CA LEU A 504 -17.51 -17.63 1.74
C LEU A 504 -16.72 -16.98 2.87
N THR A 505 -15.63 -17.65 3.23
CA THR A 505 -14.77 -17.24 4.32
C THR A 505 -13.41 -16.81 3.78
N GLY A 506 -12.86 -15.76 4.36
CA GLY A 506 -11.60 -15.22 3.89
C GLY A 506 -11.34 -13.79 4.31
N HIS A 507 -12.39 -12.96 4.33
CA HIS A 507 -12.23 -11.57 4.77
C HIS A 507 -11.83 -11.56 6.23
N SER A 508 -11.04 -10.56 6.62
CA SER A 508 -10.53 -10.52 7.98
CA SER A 508 -10.54 -10.54 8.00
C SER A 508 -11.25 -9.46 8.81
N SER A 509 -12.31 -8.89 8.23
CA SER A 509 -13.17 -7.96 8.98
C SER A 509 -14.58 -7.93 8.36
N SER A 510 -15.44 -7.05 8.88
CA SER A 510 -16.82 -7.00 8.41
C SER A 510 -16.94 -6.93 6.90
N VAL A 511 -17.91 -7.66 6.36
CA VAL A 511 -18.30 -7.55 4.97
C VAL A 511 -19.51 -6.63 4.79
N ARG A 512 -19.32 -5.55 4.05
CA ARG A 512 -20.29 -4.48 3.94
C ARG A 512 -21.14 -4.54 2.69
N GLY A 513 -20.64 -5.23 1.66
CA GLY A 513 -21.34 -5.22 0.39
C GLY A 513 -21.12 -6.49 -0.40
N VAL A 514 -22.09 -6.87 -1.24
CA VAL A 514 -21.94 -8.04 -2.11
C VAL A 514 -22.74 -7.85 -3.40
N ALA A 515 -22.27 -8.45 -4.50
CA ALA A 515 -23.02 -8.45 -5.75
C ALA A 515 -22.68 -9.69 -6.55
N PHE A 516 -23.65 -10.15 -7.35
CA PHE A 516 -23.46 -11.22 -8.33
C PHE A 516 -23.16 -10.59 -9.67
N SER A 517 -22.25 -11.17 -10.45
CA SER A 517 -22.00 -10.75 -11.82
C SER A 517 -23.26 -11.06 -12.64
N PRO A 518 -23.44 -10.36 -13.76
CA PRO A 518 -24.63 -10.58 -14.63
C PRO A 518 -24.74 -11.98 -15.20
N ASP A 519 -23.61 -12.68 -15.33
CA ASP A 519 -23.64 -14.06 -15.79
C ASP A 519 -23.81 -15.03 -14.62
N GLY A 520 -23.74 -14.50 -13.41
CA GLY A 520 -24.04 -15.29 -12.23
C GLY A 520 -22.91 -16.22 -11.82
N GLN A 521 -21.82 -16.17 -12.56
CA GLN A 521 -20.65 -17.00 -12.31
C GLN A 521 -19.69 -16.45 -11.24
N THR A 522 -19.73 -15.14 -11.02
CA THR A 522 -18.81 -14.49 -10.10
C THR A 522 -19.54 -13.72 -9.00
N ILE A 523 -19.02 -13.80 -7.77
CA ILE A 523 -19.57 -12.96 -6.71
C ILE A 523 -18.46 -12.03 -6.26
N ALA A 524 -18.80 -10.79 -5.95
CA ALA A 524 -17.84 -9.82 -5.38
C ALA A 524 -18.30 -9.39 -4.00
N SER A 525 -17.35 -9.26 -3.08
CA SER A 525 -17.66 -8.79 -1.72
C SER A 525 -16.73 -7.63 -1.33
N ALA A 526 -17.29 -6.67 -0.58
CA ALA A 526 -16.53 -5.49 -0.16
C ALA A 526 -16.38 -5.54 1.33
N SER A 527 -15.18 -5.26 1.84
CA SER A 527 -14.95 -5.47 3.26
C SER A 527 -14.20 -4.35 3.94
N ASP A 528 -14.46 -4.24 5.23
CA ASP A 528 -13.75 -3.34 6.13
C ASP A 528 -12.25 -3.65 6.16
N ASP A 529 -11.87 -4.82 5.65
CA ASP A 529 -10.46 -5.18 5.61
C ASP A 529 -9.73 -4.52 4.42
N LYS A 530 -10.43 -3.63 3.73
CA LYS A 530 -9.88 -2.81 2.62
C LYS A 530 -9.75 -3.54 1.29
N THR A 531 -10.39 -4.70 1.17
CA THR A 531 -10.27 -5.50 -0.04
C THR A 531 -11.62 -5.71 -0.67
N VAL A 532 -11.61 -5.96 -1.98
CA VAL A 532 -12.78 -6.57 -2.60
C VAL A 532 -12.34 -8.01 -2.89
N LYS A 533 -13.16 -9.01 -2.57
CA LYS A 533 -12.79 -10.36 -2.99
C LYS A 533 -13.73 -10.84 -4.09
N LEU A 534 -13.17 -11.60 -5.03
CA LEU A 534 -13.93 -12.22 -6.11
C LEU A 534 -13.93 -13.73 -5.92
N TRP A 535 -15.13 -14.31 -6.04
CA TRP A 535 -15.41 -15.72 -5.73
C TRP A 535 -16.20 -16.41 -6.84
N ASN A 536 -16.12 -17.72 -6.90
CA ASN A 536 -16.99 -18.46 -7.79
C ASN A 536 -18.17 -19.02 -7.00
N ARG A 537 -19.08 -19.75 -7.64
CA ARG A 537 -20.23 -20.19 -6.86
C ARG A 537 -19.97 -21.33 -5.89
N ASN A 538 -18.83 -22.00 -6.03
CA ASN A 538 -18.48 -23.03 -5.05
C ASN A 538 -17.84 -22.48 -3.79
N GLY A 539 -17.76 -21.15 -3.68
CA GLY A 539 -17.23 -20.55 -2.48
C GLY A 539 -15.72 -20.41 -2.57
N GLN A 540 -15.18 -20.62 -3.77
CA GLN A 540 -13.74 -20.50 -3.96
C GLN A 540 -13.31 -19.07 -4.24
N LEU A 541 -12.22 -18.64 -3.60
CA LEU A 541 -11.67 -17.33 -3.81
C LEU A 541 -10.90 -17.31 -5.11
N LEU A 542 -11.19 -16.34 -5.96
CA LEU A 542 -10.56 -16.24 -7.28
C LEU A 542 -9.53 -15.13 -7.30
N GLN A 543 -9.82 -14.04 -6.60
CA GLN A 543 -8.88 -12.91 -6.63
C GLN A 543 -9.16 -11.95 -5.49
N THR A 544 -8.12 -11.26 -5.00
CA THR A 544 -8.32 -10.23 -3.98
C THR A 544 -7.88 -8.90 -4.53
N LEU A 545 -8.81 -7.95 -4.65
CA LEU A 545 -8.50 -6.63 -5.17
C LEU A 545 -8.04 -5.76 -4.03
N THR A 546 -6.75 -5.45 -4.07
CA THR A 546 -6.13 -4.61 -3.07
CA THR A 546 -6.13 -4.61 -3.07
C THR A 546 -5.73 -3.29 -3.73
N GLY A 547 -5.90 -2.20 -3.01
CA GLY A 547 -5.60 -0.92 -3.62
C GLY A 547 -6.25 0.20 -2.86
N HIS A 548 -7.43 -0.06 -2.32
CA HIS A 548 -8.07 0.94 -1.45
C HIS A 548 -7.25 1.12 -0.17
N SER A 549 -7.28 2.32 0.39
CA SER A 549 -6.43 2.60 1.55
C SER A 549 -7.23 2.60 2.84
N SER A 550 -8.51 2.26 2.75
CA SER A 550 -9.36 2.13 3.92
CA SER A 550 -9.31 2.05 3.95
C SER A 550 -10.51 1.20 3.59
N SER A 551 -11.44 1.04 4.53
CA SER A 551 -12.63 0.18 4.34
C SER A 551 -13.35 0.33 3.00
N VAL A 552 -13.80 -0.79 2.45
CA VAL A 552 -14.57 -0.78 1.21
C VAL A 552 -15.99 -1.10 1.61
N TRP A 553 -16.92 -0.23 1.20
CA TRP A 553 -18.29 -0.29 1.66
C TRP A 553 -19.25 -0.73 0.59
N GLY A 554 -18.84 -0.66 -0.66
CA GLY A 554 -19.79 -1.01 -1.72
C GLY A 554 -19.13 -1.61 -2.95
N VAL A 555 -19.81 -2.52 -3.65
CA VAL A 555 -19.31 -3.06 -4.92
CA VAL A 555 -19.33 -3.08 -4.91
C VAL A 555 -20.46 -3.23 -5.91
N ALA A 556 -20.18 -3.01 -7.18
CA ALA A 556 -21.20 -3.20 -8.21
C ALA A 556 -20.54 -3.74 -9.47
N PHE A 557 -21.25 -4.56 -10.26
CA PHE A 557 -20.73 -5.01 -11.55
C PHE A 557 -21.32 -4.17 -12.67
N SER A 558 -20.57 -3.93 -13.75
CA SER A 558 -21.16 -3.39 -14.97
C SER A 558 -22.14 -4.41 -15.58
N PRO A 559 -23.09 -3.93 -16.38
CA PRO A 559 -24.08 -4.78 -17.05
C PRO A 559 -23.43 -5.87 -17.90
N ASP A 560 -22.31 -5.58 -18.54
CA ASP A 560 -21.62 -6.61 -19.31
C ASP A 560 -20.75 -7.54 -18.47
N GLY A 561 -20.61 -7.22 -17.18
CA GLY A 561 -19.95 -8.12 -16.24
C GLY A 561 -18.43 -8.00 -16.26
N GLN A 562 -17.92 -7.11 -17.10
CA GLN A 562 -16.49 -7.01 -17.30
C GLN A 562 -15.78 -6.06 -16.36
N THR A 563 -16.53 -5.14 -15.78
CA THR A 563 -15.95 -4.12 -14.93
C THR A 563 -16.59 -4.16 -13.56
N ILE A 564 -15.79 -3.92 -12.52
CA ILE A 564 -16.29 -3.82 -11.17
C ILE A 564 -16.01 -2.44 -10.62
N ALA A 565 -16.97 -1.87 -9.89
CA ALA A 565 -16.76 -0.58 -9.23
C ALA A 565 -16.78 -0.80 -7.73
N SER A 566 -15.83 -0.21 -7.01
CA SER A 566 -15.80 -0.35 -5.55
C SER A 566 -15.74 1.02 -4.86
N ALA A 567 -16.45 1.15 -3.73
CA ALA A 567 -16.53 2.40 -3.00
C ALA A 567 -15.95 2.25 -1.62
N SER A 568 -15.14 3.23 -1.25
CA SER A 568 -14.33 3.17 -0.03
C SER A 568 -14.37 4.41 0.84
N SER A 569 -14.07 4.23 2.11
CA SER A 569 -13.91 5.37 3.01
C SER A 569 -12.61 6.14 2.72
N ASP A 570 -11.80 5.65 1.79
CA ASP A 570 -10.67 6.45 1.31
C ASP A 570 -11.11 7.59 0.38
N LYS A 571 -12.43 7.80 0.26
CA LYS A 571 -13.06 8.92 -0.50
C LYS A 571 -13.06 8.70 -1.99
N THR A 572 -12.81 7.47 -2.41
CA THR A 572 -12.74 7.21 -3.84
C THR A 572 -13.64 6.08 -4.26
N VAL A 573 -13.95 6.05 -5.56
CA VAL A 573 -14.45 4.85 -6.21
C VAL A 573 -13.36 4.36 -7.16
N LYS A 574 -13.13 3.05 -7.17
CA LYS A 574 -12.20 2.46 -8.13
C LYS A 574 -12.93 1.60 -9.18
N LEU A 575 -12.48 1.68 -10.43
CA LEU A 575 -13.00 0.79 -11.46
C LEU A 575 -11.94 -0.25 -11.80
N TRP A 576 -12.35 -1.52 -11.87
CA TRP A 576 -11.43 -2.62 -12.11
C TRP A 576 -11.90 -3.44 -13.30
N ASN A 577 -10.96 -3.97 -14.07
CA ASN A 577 -11.32 -4.64 -15.33
C ASN A 577 -10.21 -5.57 -15.84
N GLY B 1 18.17 24.65 3.89
CA GLY B 1 18.67 23.28 3.86
C GLY B 1 17.97 22.44 2.80
N SER B 2 18.52 21.26 2.55
CA SER B 2 17.90 20.36 1.57
C SER B 2 17.96 18.92 2.06
N HIS B 3 16.90 18.16 1.82
CA HIS B 3 16.89 16.73 2.13
C HIS B 3 16.64 15.98 0.84
N MET B 4 17.59 15.16 0.41
CA MET B 4 17.42 14.35 -0.81
C MET B 4 16.54 13.17 -0.46
N GLY B 5 15.51 12.91 -1.27
CA GLY B 5 14.58 11.83 -0.95
C GLY B 5 15.29 10.48 -0.93
N VAL B 6 15.04 9.68 0.09
CA VAL B 6 15.59 8.31 0.11
C VAL B 6 14.56 7.32 -0.44
N LYS B 7 15.01 6.17 -0.92
CA LYS B 7 14.12 5.16 -1.48
C LYS B 7 14.38 3.86 -0.75
N GLU B 8 13.43 2.93 -0.80
CA GLU B 8 13.63 1.58 -0.27
C GLU B 8 14.64 0.86 -1.17
N ARG B 9 15.67 0.27 -0.58
CA ARG B 9 16.73 -0.37 -1.37
C ARG B 9 16.82 -1.86 -1.12
N ASN B 10 16.59 -2.27 0.13
CA ASN B 10 16.73 -3.68 0.45
C ASN B 10 15.64 -4.16 1.37
N ARG B 11 15.27 -5.42 1.21
CA ARG B 11 14.27 -6.06 2.06
C ARG B 11 14.87 -7.24 2.78
N LEU B 12 14.98 -7.14 4.10
CA LEU B 12 15.64 -8.18 4.87
C LEU B 12 14.54 -9.09 5.35
N GLU B 13 14.23 -10.07 4.50
CA GLU B 13 13.11 -10.93 4.78
C GLU B 13 13.17 -12.18 3.92
N ALA B 14 12.35 -13.15 4.28
CA ALA B 14 12.17 -14.34 3.47
C ALA B 14 10.87 -14.99 3.90
N HIS B 15 10.78 -16.31 3.75
CA HIS B 15 9.54 -17.00 4.09
C HIS B 15 9.39 -17.12 5.59
N SER B 16 8.16 -17.19 6.07
CA SER B 16 7.95 -17.29 7.52
CA SER B 16 7.94 -17.29 7.51
C SER B 16 7.41 -18.65 7.91
N SER B 17 7.40 -19.56 6.96
CA SER B 17 7.03 -20.94 7.27
CA SER B 17 7.04 -20.94 7.28
C SER B 17 7.76 -21.85 6.30
N SER B 18 7.58 -23.16 6.48
CA SER B 18 8.19 -24.17 5.62
CA SER B 18 8.21 -24.15 5.61
C SER B 18 8.23 -23.78 4.14
N VAL B 19 9.36 -24.02 3.48
CA VAL B 19 9.43 -23.81 2.03
C VAL B 19 9.28 -25.16 1.33
N ARG B 20 8.28 -25.26 0.46
CA ARG B 20 7.87 -26.52 -0.16
C ARG B 20 8.53 -26.79 -1.51
N GLY B 21 8.99 -25.75 -2.19
CA GLY B 21 9.52 -25.94 -3.53
C GLY B 21 10.38 -24.80 -3.98
N VAL B 22 11.31 -25.08 -4.89
CA VAL B 22 12.15 -24.05 -5.47
C VAL B 22 12.30 -24.30 -6.97
N ALA B 23 12.43 -23.25 -7.76
CA ALA B 23 12.63 -23.40 -9.21
C ALA B 23 13.51 -22.27 -9.71
N PHE B 24 14.29 -22.52 -10.76
CA PHE B 24 15.08 -21.48 -11.41
C PHE B 24 14.38 -21.06 -12.71
N SER B 25 14.49 -19.80 -13.10
CA SER B 25 14.05 -19.39 -14.43
C SER B 25 15.02 -19.99 -15.45
N PRO B 26 14.59 -20.12 -16.72
CA PRO B 26 15.46 -20.74 -17.73
C PRO B 26 16.79 -20.00 -17.94
N ASP B 27 16.87 -18.69 -17.72
CA ASP B 27 18.15 -17.98 -17.87
C ASP B 27 19.00 -18.04 -16.59
N GLY B 28 18.44 -18.68 -15.56
CA GLY B 28 19.12 -18.88 -14.29
C GLY B 28 19.25 -17.62 -13.45
N GLN B 29 18.66 -16.51 -13.91
CA GLN B 29 18.81 -15.22 -13.23
C GLN B 29 17.82 -15.00 -12.08
N THR B 30 16.77 -15.81 -11.99
CA THR B 30 15.76 -15.64 -10.96
C THR B 30 15.46 -16.98 -10.31
N ILE B 31 15.21 -16.97 -9.01
CA ILE B 31 14.80 -18.16 -8.27
C ILE B 31 13.43 -17.90 -7.70
N ALA B 32 12.54 -18.89 -7.79
CA ALA B 32 11.23 -18.78 -7.17
C ALA B 32 11.13 -19.79 -6.05
N SER B 33 10.60 -19.37 -4.92
CA SER B 33 10.41 -20.26 -3.78
C SER B 33 8.93 -20.25 -3.38
N ALA B 34 8.38 -21.41 -2.99
CA ALA B 34 6.95 -21.56 -2.66
C ALA B 34 6.82 -22.02 -1.22
N SER B 35 5.92 -21.43 -0.46
CA SER B 35 5.94 -21.67 0.98
C SER B 35 4.58 -21.89 1.62
N ASP B 36 4.57 -22.58 2.76
CA ASP B 36 3.39 -22.68 3.61
C ASP B 36 2.92 -21.31 4.11
N ASP B 37 3.72 -20.28 3.95
CA ASP B 37 3.30 -18.96 4.35
C ASP B 37 2.36 -18.31 3.32
N LYS B 38 1.97 -19.09 2.31
CA LYS B 38 0.95 -18.73 1.31
C LYS B 38 1.48 -17.88 0.18
N THR B 39 2.79 -17.71 0.11
CA THR B 39 3.32 -16.85 -0.92
C THR B 39 4.32 -17.54 -1.80
N VAL B 40 4.56 -16.96 -2.96
CA VAL B 40 5.77 -17.33 -3.73
C VAL B 40 6.71 -16.13 -3.70
N LYS B 41 8.01 -16.35 -3.56
CA LYS B 41 8.93 -15.20 -3.59
C LYS B 41 9.89 -15.38 -4.73
N LEU B 42 10.26 -14.28 -5.37
CA LEU B 42 11.17 -14.27 -6.49
C LEU B 42 12.41 -13.50 -6.08
N TRP B 43 13.56 -14.14 -6.32
CA TRP B 43 14.88 -13.72 -5.87
C TRP B 43 15.83 -13.58 -7.04
N ASN B 44 16.74 -12.61 -6.99
CA ASN B 44 17.79 -12.54 -8.00
C ASN B 44 18.97 -13.48 -7.68
N ARG B 45 19.98 -13.52 -8.51
CA ARG B 45 21.03 -14.52 -8.27
C ARG B 45 21.90 -14.22 -7.06
N ASN B 46 21.79 -13.01 -6.52
CA ASN B 46 22.49 -12.65 -5.28
C ASN B 46 21.65 -12.98 -4.06
N GLY B 47 20.51 -13.63 -4.30
CA GLY B 47 19.65 -14.01 -3.21
C GLY B 47 18.98 -12.78 -2.60
N GLN B 48 18.80 -11.75 -3.41
CA GLN B 48 18.01 -10.58 -2.97
C GLN B 48 16.56 -10.68 -3.41
N LEU B 49 15.65 -10.29 -2.53
CA LEU B 49 14.21 -10.38 -2.79
C LEU B 49 13.71 -9.36 -3.84
N LEU B 50 13.09 -9.88 -4.89
CA LEU B 50 12.62 -9.01 -6.00
C LEU B 50 11.12 -8.78 -5.91
N GLN B 51 10.39 -9.83 -5.57
CA GLN B 51 8.93 -9.72 -5.61
C GLN B 51 8.27 -10.80 -4.78
N THR B 52 7.13 -10.48 -4.16
CA THR B 52 6.30 -11.48 -3.52
C THR B 52 4.97 -11.66 -4.24
N LEU B 53 4.60 -12.91 -4.53
CA LEU B 53 3.30 -13.24 -5.12
C LEU B 53 2.36 -13.61 -3.99
N THR B 54 1.40 -12.72 -3.73
CA THR B 54 0.44 -12.90 -2.65
C THR B 54 -0.96 -13.06 -3.26
N GLY B 55 -1.75 -13.97 -2.71
CA GLY B 55 -3.09 -14.20 -3.23
C GLY B 55 -3.65 -15.55 -2.88
N HIS B 56 -2.79 -16.58 -2.88
CA HIS B 56 -3.29 -17.90 -2.43
C HIS B 56 -3.77 -17.82 -0.99
N SER B 57 -4.75 -18.64 -0.64
CA SER B 57 -5.33 -18.54 0.69
C SER B 57 -4.88 -19.70 1.54
N SER B 58 -3.96 -20.52 1.03
CA SER B 58 -3.39 -21.55 1.86
C SER B 58 -2.01 -21.84 1.36
N SER B 59 -1.35 -22.82 1.96
CA SER B 59 0.04 -23.12 1.62
C SER B 59 0.24 -23.36 0.12
N VAL B 60 1.37 -22.89 -0.38
CA VAL B 60 1.75 -23.09 -1.78
C VAL B 60 2.74 -24.26 -1.88
N TRP B 61 2.41 -25.27 -2.68
CA TRP B 61 3.15 -26.53 -2.73
C TRP B 61 4.05 -26.71 -3.96
N GLY B 62 3.76 -25.98 -5.02
CA GLY B 62 4.54 -26.13 -6.24
C GLY B 62 4.68 -24.81 -6.95
N VAL B 63 5.77 -24.67 -7.70
CA VAL B 63 6.04 -23.46 -8.45
C VAL B 63 6.83 -23.86 -9.70
N ALA B 64 6.56 -23.20 -10.82
CA ALA B 64 7.26 -23.47 -12.07
C ALA B 64 7.38 -22.16 -12.86
N PHE B 65 8.42 -22.03 -13.69
CA PHE B 65 8.51 -20.93 -14.64
C PHE B 65 8.14 -21.37 -16.05
N SER B 66 7.51 -20.48 -16.79
CA SER B 66 7.34 -20.72 -18.22
C SER B 66 8.70 -20.73 -18.92
N PRO B 67 8.76 -21.30 -20.15
CA PRO B 67 10.00 -21.39 -20.92
C PRO B 67 10.66 -20.05 -21.21
N ASP B 68 9.92 -18.94 -21.25
CA ASP B 68 10.54 -17.64 -21.47
C ASP B 68 10.80 -16.92 -20.16
N GLY B 69 10.44 -17.57 -19.07
CA GLY B 69 10.63 -17.01 -17.75
C GLY B 69 9.68 -15.87 -17.40
N GLN B 70 8.72 -15.57 -18.28
CA GLN B 70 7.86 -14.39 -18.05
C GLN B 70 6.63 -14.68 -17.22
N THR B 71 6.28 -15.94 -17.11
CA THR B 71 5.10 -16.36 -16.36
C THR B 71 5.50 -17.32 -15.27
N ILE B 72 4.86 -17.20 -14.11
CA ILE B 72 5.07 -18.12 -13.01
C ILE B 72 3.76 -18.84 -12.76
N ALA B 73 3.83 -20.13 -12.48
CA ALA B 73 2.66 -20.90 -12.05
C ALA B 73 2.87 -21.39 -10.64
N SER B 74 1.80 -21.39 -9.85
CA SER B 74 1.90 -21.84 -8.47
C SER B 74 0.74 -22.79 -8.21
N ALA B 75 0.97 -23.79 -7.36
CA ALA B 75 -0.05 -24.78 -7.02
C ALA B 75 -0.26 -24.68 -5.54
N SER B 76 -1.51 -24.60 -5.08
CA SER B 76 -1.76 -24.37 -3.66
C SER B 76 -2.69 -25.39 -3.02
N ASP B 77 -2.56 -25.52 -1.70
CA ASP B 77 -3.48 -26.28 -0.86
C ASP B 77 -4.88 -25.68 -0.95
N ASP B 78 -4.99 -24.45 -1.43
CA ASP B 78 -6.31 -23.81 -1.61
C ASP B 78 -7.15 -24.35 -2.79
N LYS B 79 -6.62 -25.36 -3.50
CA LYS B 79 -7.27 -26.05 -4.64
C LYS B 79 -7.16 -25.33 -5.99
N THR B 80 -6.37 -24.26 -6.06
CA THR B 80 -6.27 -23.49 -7.30
C THR B 80 -4.85 -23.52 -7.83
N VAL B 81 -4.71 -23.25 -9.11
CA VAL B 81 -3.40 -22.94 -9.65
C VAL B 81 -3.45 -21.48 -10.02
N LYS B 82 -2.39 -20.71 -9.77
CA LYS B 82 -2.39 -19.32 -10.23
C LYS B 82 -1.29 -19.08 -11.21
N LEU B 83 -1.55 -18.23 -12.20
CA LEU B 83 -0.55 -17.85 -13.18
C LEU B 83 -0.31 -16.36 -12.98
N TRP B 84 0.96 -15.96 -12.91
CA TRP B 84 1.42 -14.63 -12.50
C TRP B 84 2.43 -14.08 -13.47
N ASN B 85 2.54 -12.75 -13.49
CA ASN B 85 3.68 -12.15 -14.15
C ASN B 85 4.77 -11.76 -13.14
N ARG B 86 5.90 -11.26 -13.64
CA ARG B 86 7.03 -10.94 -12.77
C ARG B 86 6.82 -9.71 -11.90
N ASN B 87 5.78 -8.93 -12.22
CA ASN B 87 5.38 -7.83 -11.37
C ASN B 87 4.46 -8.30 -10.26
N GLY B 88 4.16 -9.58 -10.25
CA GLY B 88 3.35 -10.15 -9.18
C GLY B 88 1.87 -10.01 -9.41
N GLN B 89 1.49 -9.61 -10.62
CA GLN B 89 0.08 -9.45 -10.95
C GLN B 89 -0.52 -10.77 -11.35
N LEU B 90 -1.76 -11.02 -10.94
CA LEU B 90 -2.45 -12.25 -11.33
C LEU B 90 -2.82 -12.25 -12.79
N LEU B 91 -2.46 -13.30 -13.51
CA LEU B 91 -2.93 -13.46 -14.88
C LEU B 91 -4.20 -14.31 -14.91
N GLN B 92 -4.15 -15.45 -14.21
CA GLN B 92 -5.28 -16.40 -14.21
C GLN B 92 -5.36 -17.17 -12.92
N THR B 93 -6.58 -17.41 -12.45
CA THR B 93 -6.79 -18.40 -11.42
C THR B 93 -7.52 -19.58 -12.04
N LEU B 94 -6.95 -20.77 -11.91
CA LEU B 94 -7.53 -21.98 -12.50
C LEU B 94 -8.15 -22.79 -11.39
N THR B 95 -9.44 -23.08 -11.54
CA THR B 95 -10.20 -23.85 -10.57
C THR B 95 -10.73 -25.09 -11.27
N GLY B 96 -10.94 -26.14 -10.49
CA GLY B 96 -11.53 -27.35 -11.02
C GLY B 96 -11.08 -28.57 -10.26
N HIS B 97 -9.86 -28.53 -9.73
CA HIS B 97 -9.45 -29.62 -8.80
C HIS B 97 -10.34 -29.61 -7.56
N SER B 98 -10.64 -30.79 -7.01
CA SER B 98 -11.52 -30.83 -5.85
CA SER B 98 -11.53 -30.89 -5.86
C SER B 98 -10.77 -30.97 -4.52
N SER B 99 -9.44 -30.97 -4.58
CA SER B 99 -8.66 -30.91 -3.34
CA SER B 99 -8.65 -30.95 -3.35
C SER B 99 -7.31 -30.26 -3.57
N SER B 100 -6.45 -30.28 -2.54
CA SER B 100 -5.15 -29.61 -2.60
C SER B 100 -4.38 -29.86 -3.88
N VAL B 101 -3.75 -28.82 -4.41
CA VAL B 101 -2.90 -29.00 -5.58
C VAL B 101 -1.45 -29.06 -5.09
N ARG B 102 -0.72 -30.09 -5.51
CA ARG B 102 0.60 -30.39 -4.95
C ARG B 102 1.74 -30.11 -5.93
N GLY B 103 1.42 -29.99 -7.21
CA GLY B 103 2.49 -29.86 -8.19
C GLY B 103 2.00 -29.18 -9.45
N VAL B 104 2.94 -28.53 -10.14
CA VAL B 104 2.62 -27.78 -11.33
C VAL B 104 3.84 -27.81 -12.26
N ALA B 105 3.59 -27.85 -13.57
CA ALA B 105 4.67 -27.86 -14.57
C ALA B 105 4.17 -27.14 -15.81
N PHE B 106 5.07 -26.50 -16.55
CA PHE B 106 4.77 -25.96 -17.90
C PHE B 106 5.26 -26.93 -18.98
N SER B 107 4.55 -27.04 -20.10
CA SER B 107 5.08 -27.77 -21.26
C SER B 107 6.29 -26.98 -21.80
N PRO B 108 7.17 -27.64 -22.58
CA PRO B 108 8.34 -26.96 -23.14
C PRO B 108 8.00 -25.75 -23.98
N ASP B 109 6.82 -25.71 -24.59
CA ASP B 109 6.40 -24.47 -25.26
C ASP B 109 5.62 -23.54 -24.33
N GLY B 110 5.40 -23.99 -23.09
CA GLY B 110 4.63 -23.22 -22.12
C GLY B 110 3.19 -22.92 -22.49
N GLN B 111 2.69 -23.50 -23.57
CA GLN B 111 1.30 -23.30 -23.92
C GLN B 111 0.36 -24.16 -23.09
N THR B 112 0.91 -25.20 -22.47
CA THR B 112 0.11 -26.11 -21.67
C THR B 112 0.70 -26.14 -20.25
N ILE B 113 -0.17 -26.23 -19.27
CA ILE B 113 0.30 -26.32 -17.92
CA ILE B 113 0.22 -26.26 -17.86
C ILE B 113 -0.37 -27.55 -17.32
N ALA B 114 0.38 -28.28 -16.49
CA ALA B 114 -0.09 -29.50 -15.87
C ALA B 114 -0.09 -29.34 -14.36
N SER B 115 -1.14 -29.81 -13.70
CA SER B 115 -1.22 -29.69 -12.24
C SER B 115 -1.60 -31.03 -11.64
N ALA B 116 -0.99 -31.35 -10.49
CA ALA B 116 -1.26 -32.64 -9.83
C ALA B 116 -2.01 -32.40 -8.53
N SER B 117 -3.01 -33.22 -8.23
CA SER B 117 -3.87 -32.91 -7.09
C SER B 117 -4.14 -34.11 -6.18
N ASP B 118 -4.46 -33.82 -4.91
CA ASP B 118 -4.97 -34.82 -3.97
C ASP B 118 -6.24 -35.48 -4.47
N ASP B 119 -6.92 -34.84 -5.43
CA ASP B 119 -8.16 -35.42 -5.95
C ASP B 119 -7.90 -36.60 -6.88
N LYS B 120 -6.63 -37.03 -6.92
CA LYS B 120 -6.16 -38.21 -7.67
C LYS B 120 -5.99 -37.99 -9.19
N THR B 121 -6.03 -36.73 -9.62
CA THR B 121 -5.96 -36.48 -11.05
C THR B 121 -4.80 -35.58 -11.40
N VAL B 122 -4.43 -35.58 -12.67
CA VAL B 122 -3.61 -34.48 -13.21
C VAL B 122 -4.46 -33.74 -14.21
N LYS B 123 -4.42 -32.40 -14.22
CA LYS B 123 -5.17 -31.67 -15.22
C LYS B 123 -4.26 -30.92 -16.15
N LEU B 124 -4.65 -30.89 -17.43
CA LEU B 124 -3.93 -30.14 -18.45
C LEU B 124 -4.81 -28.97 -18.87
N TRP B 125 -4.20 -27.78 -18.86
CA TRP B 125 -4.87 -26.50 -19.11
C TRP B 125 -4.11 -25.75 -20.19
N ASN B 126 -4.81 -24.90 -20.94
CA ASN B 126 -4.12 -23.94 -21.82
C ASN B 126 -3.88 -22.64 -21.07
N ARG B 127 -3.09 -21.74 -21.65
CA ARG B 127 -2.75 -20.50 -20.99
C ARG B 127 -3.94 -19.59 -20.75
N ASN B 128 -5.08 -19.90 -21.33
CA ASN B 128 -6.14 -18.91 -21.36
C ASN B 128 -7.52 -19.04 -20.68
N GLY B 129 -7.76 -19.83 -19.63
CA GLY B 129 -7.03 -21.01 -19.21
C GLY B 129 -8.08 -22.13 -19.18
N GLN B 130 -8.36 -22.70 -20.35
CA GLN B 130 -9.37 -23.74 -20.47
CA GLN B 130 -9.37 -23.74 -20.47
C GLN B 130 -8.83 -25.10 -20.06
N LEU B 131 -9.68 -25.92 -19.47
CA LEU B 131 -9.31 -27.29 -19.15
C LEU B 131 -9.26 -28.12 -20.44
N LEU B 132 -8.12 -28.74 -20.72
CA LEU B 132 -7.97 -29.49 -21.95
C LEU B 132 -8.13 -30.96 -21.68
N GLN B 133 -7.62 -31.42 -20.55
CA GLN B 133 -7.67 -32.86 -20.31
C GLN B 133 -7.57 -33.21 -18.85
N THR B 134 -8.29 -34.25 -18.44
CA THR B 134 -8.09 -34.78 -17.11
C THR B 134 -7.51 -36.20 -17.21
N LEU B 135 -6.39 -36.40 -16.53
CA LEU B 135 -5.68 -37.67 -16.50
C LEU B 135 -6.07 -38.42 -15.24
N THR B 136 -6.82 -39.52 -15.47
CA THR B 136 -7.30 -40.48 -14.47
C THR B 136 -6.82 -41.89 -14.94
N GLY B 137 -6.36 -42.73 -14.02
CA GLY B 137 -6.49 -42.55 -12.61
C GLY B 137 -5.48 -43.39 -11.86
N HIS B 138 -4.58 -42.65 -11.23
CA HIS B 138 -3.95 -43.04 -10.00
C HIS B 138 -5.04 -43.38 -9.00
N SER B 139 -4.70 -44.23 -8.03
CA SER B 139 -5.68 -44.64 -7.03
C SER B 139 -5.47 -43.86 -5.72
N SER B 140 -4.56 -42.88 -5.73
CA SER B 140 -4.44 -42.01 -4.56
C SER B 140 -3.94 -40.63 -4.95
N SER B 141 -3.70 -39.77 -3.97
CA SER B 141 -3.28 -38.38 -4.27
C SER B 141 -2.05 -38.30 -5.19
N VAL B 142 -2.02 -37.28 -6.05
CA VAL B 142 -0.89 -37.06 -6.93
C VAL B 142 -0.04 -35.90 -6.44
N TRP B 143 1.26 -36.14 -6.26
CA TRP B 143 2.17 -35.19 -5.57
C TRP B 143 3.20 -34.52 -6.46
N GLY B 144 3.43 -35.07 -7.64
CA GLY B 144 4.42 -34.50 -8.54
C GLY B 144 4.02 -34.64 -9.98
N VAL B 145 4.47 -33.72 -10.82
CA VAL B 145 4.15 -33.80 -12.25
C VAL B 145 5.28 -33.17 -13.08
N ALA B 146 5.56 -33.75 -14.25
CA ALA B 146 6.61 -33.23 -15.13
C ALA B 146 6.25 -33.50 -16.60
N PHE B 147 6.71 -32.62 -17.49
CA PHE B 147 6.58 -32.81 -18.93
C PHE B 147 7.92 -33.32 -19.45
N SER B 148 7.87 -34.21 -20.46
CA SER B 148 9.06 -34.64 -21.17
C SER B 148 9.56 -33.46 -21.98
N PRO B 149 10.87 -33.45 -22.34
CA PRO B 149 11.44 -32.35 -23.12
C PRO B 149 10.74 -32.11 -24.45
N ASP B 150 10.13 -33.12 -25.05
CA ASP B 150 9.31 -32.84 -26.26
C ASP B 150 7.86 -32.46 -25.94
N GLY B 151 7.53 -32.47 -24.66
CA GLY B 151 6.20 -32.12 -24.21
C GLY B 151 5.09 -33.06 -24.64
N GLN B 152 5.45 -34.20 -25.21
CA GLN B 152 4.45 -35.16 -25.70
C GLN B 152 4.08 -36.19 -24.63
N THR B 153 4.90 -36.29 -23.59
CA THR B 153 4.63 -37.21 -22.49
C THR B 153 4.58 -36.47 -21.17
N ILE B 154 3.64 -36.87 -20.31
CA ILE B 154 3.52 -36.35 -18.95
C ILE B 154 3.82 -37.46 -17.94
N ALA B 155 4.64 -37.15 -16.93
CA ALA B 155 4.88 -38.08 -15.83
C ALA B 155 4.15 -37.59 -14.57
N SER B 156 3.42 -38.47 -13.91
CA SER B 156 2.76 -38.09 -12.66
C SER B 156 3.28 -39.00 -11.55
N ALA B 157 3.49 -38.45 -10.35
CA ALA B 157 3.98 -39.24 -9.21
C ALA B 157 2.92 -39.28 -8.14
N SER B 158 2.68 -40.45 -7.58
CA SER B 158 1.51 -40.61 -6.71
C SER B 158 1.72 -41.36 -5.38
N ASP B 159 0.85 -41.04 -4.43
CA ASP B 159 0.81 -41.73 -3.15
C ASP B 159 0.42 -43.19 -3.32
N ASP B 160 -0.06 -43.54 -4.51
CA ASP B 160 -0.40 -44.93 -4.82
C ASP B 160 0.81 -45.79 -5.14
N LYS B 161 2.00 -45.21 -4.97
CA LYS B 161 3.27 -45.93 -5.15
C LYS B 161 3.74 -46.10 -6.59
N THR B 162 3.06 -45.41 -7.51
CA THR B 162 3.45 -45.49 -8.91
C THR B 162 3.86 -44.16 -9.50
N VAL B 163 4.60 -44.23 -10.61
CA VAL B 163 4.68 -43.10 -11.53
C VAL B 163 3.91 -43.52 -12.76
N LYS B 164 3.07 -42.64 -13.31
CA LYS B 164 2.37 -42.98 -14.55
C LYS B 164 2.83 -42.05 -15.68
N LEU B 165 2.96 -42.59 -16.89
CA LEU B 165 3.31 -41.79 -18.08
C LEU B 165 2.11 -41.79 -19.00
N TRP B 166 1.77 -40.60 -19.48
CA TRP B 166 0.54 -40.33 -20.23
C TRP B 166 0.81 -39.51 -21.48
N ASN B 167 -0.08 -39.61 -22.47
CA ASN B 167 -0.04 -38.68 -23.60
C ASN B 167 -1.01 -37.51 -23.39
N ARG B 168 -1.05 -36.57 -24.31
CA ARG B 168 -1.86 -35.37 -24.11
CA ARG B 168 -1.88 -35.36 -24.16
C ARG B 168 -3.37 -35.63 -24.27
N ASN B 169 -3.73 -36.80 -24.77
CA ASN B 169 -5.13 -37.20 -24.82
C ASN B 169 -5.55 -37.99 -23.61
N GLY B 170 -4.68 -38.04 -22.59
CA GLY B 170 -5.07 -38.70 -21.36
C GLY B 170 -5.02 -40.21 -21.44
N GLN B 171 -4.43 -40.73 -22.51
CA GLN B 171 -4.15 -42.16 -22.58
C GLN B 171 -2.96 -42.49 -21.69
N LEU B 172 -3.11 -43.56 -20.92
CA LEU B 172 -2.04 -44.04 -20.06
C LEU B 172 -1.06 -44.81 -20.93
N LEU B 173 0.20 -44.39 -20.95
CA LEU B 173 1.19 -45.08 -21.76
C LEU B 173 1.92 -46.14 -20.96
N GLN B 174 2.22 -45.83 -19.71
CA GLN B 174 3.05 -46.76 -18.92
C GLN B 174 2.89 -46.53 -17.44
N THR B 175 2.91 -47.59 -16.64
CA THR B 175 3.00 -47.45 -15.20
C THR B 175 4.35 -47.96 -14.68
N LEU B 176 5.06 -47.12 -13.93
CA LEU B 176 6.33 -47.49 -13.31
C LEU B 176 6.06 -47.91 -11.87
N THR B 177 6.12 -49.22 -11.64
CA THR B 177 5.83 -49.77 -10.33
C THR B 177 7.13 -50.33 -9.78
N GLY B 178 7.33 -50.21 -8.49
CA GLY B 178 8.57 -50.72 -7.92
C GLY B 178 8.87 -50.07 -6.60
N HIS B 179 8.50 -48.80 -6.47
CA HIS B 179 8.62 -48.16 -5.17
C HIS B 179 7.70 -48.90 -4.18
N SER B 180 8.13 -48.98 -2.92
CA SER B 180 7.38 -49.72 -1.92
C SER B 180 6.60 -48.76 -1.03
N SER B 181 6.59 -47.49 -1.41
CA SER B 181 5.78 -46.49 -0.70
C SER B 181 5.50 -45.33 -1.62
N SER B 182 4.94 -44.25 -1.06
CA SER B 182 4.43 -43.15 -1.87
C SER B 182 5.49 -42.57 -2.74
N VAL B 183 5.09 -42.14 -3.92
CA VAL B 183 6.04 -41.41 -4.76
C VAL B 183 5.72 -39.91 -4.71
N TRP B 184 6.68 -39.10 -4.26
CA TRP B 184 6.45 -37.67 -3.99
C TRP B 184 6.94 -36.73 -5.10
N GLY B 185 7.86 -37.17 -5.94
CA GLY B 185 8.42 -36.28 -6.93
C GLY B 185 8.90 -37.05 -8.15
N VAL B 186 8.90 -36.38 -9.31
CA VAL B 186 9.34 -37.03 -10.52
C VAL B 186 10.02 -35.99 -11.42
N ALA B 187 11.01 -36.40 -12.19
CA ALA B 187 11.72 -35.52 -13.11
C ALA B 187 12.16 -36.30 -14.33
N PHE B 188 12.25 -35.60 -15.46
CA PHE B 188 12.84 -36.18 -16.68
C PHE B 188 14.27 -35.69 -16.80
N SER B 189 15.14 -36.53 -17.34
CA SER B 189 16.48 -36.08 -17.73
C SER B 189 16.37 -35.11 -18.92
N PRO B 190 17.43 -34.31 -19.15
CA PRO B 190 17.42 -33.33 -20.25
C PRO B 190 17.13 -33.94 -21.62
N ASP B 191 17.57 -35.17 -21.84
CA ASP B 191 17.33 -35.88 -23.11
C ASP B 191 16.00 -36.67 -23.16
N GLY B 192 15.27 -36.64 -22.05
CA GLY B 192 13.97 -37.29 -22.00
C GLY B 192 14.01 -38.81 -21.93
N GLN B 193 15.21 -39.40 -21.89
CA GLN B 193 15.36 -40.86 -21.96
C GLN B 193 15.33 -41.53 -20.59
N THR B 194 15.49 -40.75 -19.53
CA THR B 194 15.51 -41.30 -18.18
C THR B 194 14.53 -40.53 -17.34
N ILE B 195 13.78 -41.24 -16.50
CA ILE B 195 12.87 -40.64 -15.53
C ILE B 195 13.43 -40.93 -14.14
N ALA B 196 13.45 -39.93 -13.27
CA ALA B 196 13.80 -40.16 -11.86
C ALA B 196 12.57 -39.97 -10.98
N SER B 197 12.45 -40.82 -9.97
CA SER B 197 11.32 -40.73 -9.04
C SER B 197 11.86 -40.72 -7.61
N ALA B 198 11.23 -39.95 -6.74
CA ALA B 198 11.64 -39.78 -5.35
C ALA B 198 10.53 -40.31 -4.46
N SER B 199 10.87 -41.16 -3.51
CA SER B 199 9.85 -41.90 -2.78
C SER B 199 10.00 -41.89 -1.27
N ASP B 200 8.86 -42.05 -0.62
CA ASP B 200 8.77 -42.30 0.81
C ASP B 200 9.55 -43.56 1.21
N ASP B 201 9.88 -44.42 0.26
CA ASP B 201 10.59 -45.63 0.61
C ASP B 201 12.09 -45.41 0.79
N LYS B 202 12.48 -44.13 0.82
CA LYS B 202 13.87 -43.70 1.09
C LYS B 202 14.82 -43.79 -0.11
N THR B 203 14.28 -44.02 -1.30
CA THR B 203 15.13 -44.18 -2.48
C THR B 203 14.77 -43.23 -3.61
N VAL B 204 15.70 -43.06 -4.53
CA VAL B 204 15.34 -42.50 -5.83
C VAL B 204 15.47 -43.61 -6.87
N LYS B 205 14.52 -43.76 -7.80
CA LYS B 205 14.71 -44.79 -8.82
C LYS B 205 14.89 -44.13 -10.17
N LEU B 206 15.73 -44.73 -11.02
CA LEU B 206 15.98 -44.21 -12.37
C LEU B 206 15.52 -45.23 -13.37
N TRP B 207 14.58 -44.81 -14.22
CA TRP B 207 13.88 -45.65 -15.18
C TRP B 207 14.11 -45.22 -16.64
N ASN B 208 14.00 -46.14 -17.57
CA ASN B 208 13.83 -45.72 -18.96
C ASN B 208 12.36 -45.66 -19.34
N ARG B 209 12.07 -45.37 -20.61
CA ARG B 209 10.69 -45.18 -21.05
C ARG B 209 9.81 -46.45 -21.06
N ASN B 210 10.47 -47.62 -21.06
CA ASN B 210 9.75 -48.90 -21.07
C ASN B 210 9.36 -49.37 -19.69
N GLY B 211 9.72 -48.59 -18.67
CA GLY B 211 9.37 -48.97 -17.33
C GLY B 211 10.41 -49.89 -16.74
N GLN B 212 11.55 -49.99 -17.41
CA GLN B 212 12.67 -50.76 -16.87
C GLN B 212 13.45 -49.95 -15.84
N LEU B 213 13.83 -50.64 -14.78
CA LEU B 213 14.51 -49.97 -13.68
C LEU B 213 16.00 -50.05 -13.90
N LEU B 214 16.61 -48.90 -14.22
CA LEU B 214 18.03 -48.86 -14.53
C LEU B 214 18.90 -48.76 -13.27
N GLN B 215 18.39 -48.09 -12.24
CA GLN B 215 19.23 -47.86 -11.07
C GLN B 215 18.44 -47.40 -9.85
N THR B 216 18.79 -47.87 -8.66
CA THR B 216 18.20 -47.33 -7.42
C THR B 216 19.29 -46.59 -6.64
N LEU B 217 18.96 -45.39 -6.18
CA LEU B 217 19.87 -44.59 -5.35
C LEU B 217 19.45 -44.79 -3.90
N THR B 218 20.36 -45.42 -3.15
CA THR B 218 20.14 -45.82 -1.76
C THR B 218 21.16 -45.14 -0.84
N GLY B 219 20.70 -44.66 0.31
CA GLY B 219 21.58 -44.02 1.27
C GLY B 219 20.90 -43.02 2.18
N HIS B 220 19.80 -42.43 1.72
CA HIS B 220 19.04 -41.52 2.58
C HIS B 220 18.46 -42.36 3.71
N SER B 221 18.27 -41.78 4.90
CA SER B 221 17.78 -42.58 6.01
C SER B 221 16.31 -42.26 6.31
N SER B 222 15.70 -41.51 5.41
CA SER B 222 14.28 -41.24 5.51
C SER B 222 13.69 -40.92 4.14
N SER B 223 12.41 -40.63 4.11
CA SER B 223 11.68 -40.27 2.89
C SER B 223 12.41 -39.28 1.98
N VAL B 224 12.39 -39.53 0.66
CA VAL B 224 12.97 -38.59 -0.31
C VAL B 224 11.82 -37.79 -0.92
N ARG B 225 11.84 -36.48 -0.69
CA ARG B 225 10.72 -35.62 -1.07
C ARG B 225 10.88 -34.95 -2.42
N GLY B 226 12.11 -34.86 -2.93
CA GLY B 226 12.33 -34.18 -4.19
C GLY B 226 13.54 -34.70 -4.93
N VAL B 227 13.59 -34.46 -6.25
CA VAL B 227 14.67 -34.97 -7.10
C VAL B 227 14.93 -33.99 -8.26
N ALA B 228 16.17 -33.94 -8.76
CA ALA B 228 16.51 -33.10 -9.90
C ALA B 228 17.70 -33.66 -10.65
N PHE B 229 17.77 -33.37 -11.94
CA PHE B 229 18.93 -33.68 -12.78
C PHE B 229 19.77 -32.41 -12.99
N SER B 230 21.08 -32.59 -13.11
CA SER B 230 21.96 -31.51 -13.52
C SER B 230 21.64 -31.17 -14.98
N PRO B 231 22.05 -29.96 -15.44
CA PRO B 231 21.83 -29.61 -16.86
C PRO B 231 22.43 -30.61 -17.81
N ASP B 232 23.55 -31.27 -17.47
CA ASP B 232 24.12 -32.24 -18.43
C ASP B 232 23.53 -33.63 -18.25
N GLY B 233 22.64 -33.77 -17.27
CA GLY B 233 21.95 -35.03 -17.04
C GLY B 233 22.79 -36.15 -16.44
N GLN B 234 24.02 -35.85 -16.01
CA GLN B 234 24.92 -36.85 -15.46
CA GLN B 234 24.90 -36.87 -15.46
C GLN B 234 24.84 -36.97 -13.94
N THR B 235 24.32 -35.95 -13.28
CA THR B 235 24.26 -35.97 -11.82
C THR B 235 22.80 -35.83 -11.42
N ILE B 236 22.43 -36.51 -10.35
CA ILE B 236 21.08 -36.45 -9.78
C ILE B 236 21.17 -35.87 -8.37
N ALA B 237 20.24 -34.97 -8.02
CA ALA B 237 20.17 -34.47 -6.66
C ALA B 237 18.87 -34.95 -6.03
N SER B 238 18.94 -35.32 -4.75
CA SER B 238 17.78 -35.78 -4.02
C SER B 238 17.62 -34.99 -2.72
N ALA B 239 16.38 -34.70 -2.35
CA ALA B 239 16.11 -33.91 -1.15
C ALA B 239 15.34 -34.77 -0.17
N SER B 240 15.75 -34.83 1.10
CA SER B 240 15.15 -35.83 1.99
C SER B 240 14.71 -35.31 3.34
N ASP B 241 13.76 -36.03 3.93
CA ASP B 241 13.30 -35.82 5.32
CA ASP B 241 13.30 -35.81 5.32
C ASP B 241 14.46 -35.99 6.30
N ASP B 242 15.53 -36.65 5.86
CA ASP B 242 16.69 -36.83 6.73
C ASP B 242 17.54 -35.57 6.89
N LYS B 243 17.08 -34.47 6.28
CA LYS B 243 17.66 -33.12 6.42
C LYS B 243 18.83 -32.87 5.48
N THR B 244 19.05 -33.77 4.52
CA THR B 244 20.16 -33.57 3.60
C THR B 244 19.74 -33.55 2.16
N VAL B 245 20.61 -32.98 1.32
CA VAL B 245 20.50 -33.19 -0.12
C VAL B 245 21.64 -34.10 -0.51
N LYS B 246 21.42 -35.10 -1.35
CA LYS B 246 22.54 -35.95 -1.80
C LYS B 246 22.71 -35.83 -3.30
N LEU B 247 23.97 -35.90 -3.75
CA LEU B 247 24.32 -35.82 -5.17
C LEU B 247 24.93 -37.14 -5.57
N TRP B 248 24.38 -37.70 -6.66
CA TRP B 248 24.68 -39.04 -7.15
C TRP B 248 25.08 -39.06 -8.61
N ASN B 249 25.84 -40.07 -9.01
CA ASN B 249 25.99 -40.38 -10.43
C ASN B 249 25.02 -41.48 -10.85
N ARG B 250 25.01 -41.81 -12.13
CA ARG B 250 24.04 -42.77 -12.68
C ARG B 250 24.29 -44.23 -12.33
N ASN B 251 25.46 -44.52 -11.77
CA ASN B 251 25.77 -45.88 -11.31
C ASN B 251 25.36 -46.10 -9.86
N GLY B 252 24.77 -45.07 -9.26
CA GLY B 252 24.30 -45.14 -7.89
C GLY B 252 25.31 -44.75 -6.84
N GLN B 253 26.46 -44.22 -7.28
CA GLN B 253 27.49 -43.76 -6.34
C GLN B 253 27.14 -42.40 -5.75
N LEU B 254 27.32 -42.29 -4.44
CA LEU B 254 27.14 -41.01 -3.75
C LEU B 254 28.36 -40.14 -3.94
N LEU B 255 28.15 -38.98 -4.52
CA LEU B 255 29.25 -38.05 -4.77
C LEU B 255 29.34 -37.08 -3.61
N GLN B 256 28.21 -36.67 -3.05
CA GLN B 256 28.30 -35.61 -2.05
C GLN B 256 27.06 -35.54 -1.19
N THR B 257 27.21 -35.20 0.08
CA THR B 257 26.07 -34.88 0.91
C THR B 257 26.11 -33.42 1.36
N LEU B 258 25.00 -32.72 1.11
CA LEU B 258 24.79 -31.35 1.56
C LEU B 258 24.04 -31.38 2.88
N THR B 259 24.77 -31.05 3.95
CA THR B 259 24.26 -31.00 5.31
C THR B 259 24.20 -29.54 5.75
N GLY B 260 23.20 -29.19 6.54
CA GLY B 260 23.08 -27.82 6.97
C GLY B 260 21.66 -27.41 7.28
N HIS B 261 20.69 -27.94 6.53
CA HIS B 261 19.29 -27.66 6.87
C HIS B 261 18.99 -28.24 8.25
N SER B 262 18.08 -27.62 9.00
CA SER B 262 17.78 -28.11 10.34
C SER B 262 16.49 -28.91 10.37
N SER B 263 15.89 -29.12 9.21
CA SER B 263 14.68 -29.93 9.12
CA SER B 263 14.69 -29.96 9.12
C SER B 263 14.61 -30.53 7.72
N SER B 264 13.53 -31.26 7.45
CA SER B 264 13.29 -31.95 6.17
C SER B 264 13.55 -31.07 4.99
N VAL B 265 14.18 -31.64 3.95
CA VAL B 265 14.33 -30.93 2.70
C VAL B 265 13.22 -31.38 1.73
N ASN B 266 12.49 -30.42 1.17
CA ASN B 266 11.31 -30.66 0.35
C ASN B 266 11.55 -30.68 -1.17
N GLY B 267 12.52 -29.91 -1.62
CA GLY B 267 12.75 -29.77 -3.05
C GLY B 267 14.17 -29.37 -3.33
N VAL B 268 14.62 -29.59 -4.56
CA VAL B 268 15.98 -29.24 -4.93
C VAL B 268 16.02 -28.96 -6.42
N ALA B 269 16.90 -28.07 -6.86
CA ALA B 269 16.96 -27.76 -8.27
C ALA B 269 18.37 -27.31 -8.65
N PHE B 270 18.81 -27.63 -9.85
CA PHE B 270 20.10 -27.15 -10.33
C PHE B 270 19.90 -25.88 -11.13
N ARG B 271 20.76 -24.89 -10.89
CA ARG B 271 20.76 -23.71 -11.73
C ARG B 271 21.18 -24.15 -13.12
N PRO B 272 20.55 -23.57 -14.18
CA PRO B 272 20.82 -23.95 -15.57
C PRO B 272 22.28 -23.79 -16.01
N ASP B 273 23.11 -23.02 -15.30
CA ASP B 273 24.53 -23.00 -15.68
C ASP B 273 25.27 -24.16 -14.99
N GLY B 274 24.55 -24.93 -14.18
CA GLY B 274 25.12 -26.06 -13.44
C GLY B 274 26.11 -25.67 -12.37
N GLN B 275 26.15 -24.39 -12.01
CA GLN B 275 27.16 -23.96 -11.04
C GLN B 275 26.65 -23.96 -9.61
N THR B 276 25.34 -23.90 -9.45
CA THR B 276 24.75 -23.93 -8.11
C THR B 276 23.52 -24.79 -8.03
N ILE B 277 23.19 -25.15 -6.78
CA ILE B 277 22.04 -25.99 -6.46
C ILE B 277 21.26 -25.23 -5.40
N ALA B 278 19.93 -25.22 -5.49
CA ALA B 278 19.10 -24.62 -4.44
C ALA B 278 18.24 -25.70 -3.77
N SER B 279 18.01 -25.57 -2.47
CA SER B 279 17.22 -26.54 -1.73
C SER B 279 16.21 -25.80 -0.88
N ALA B 280 15.02 -26.39 -0.74
CA ALA B 280 13.92 -25.76 0.01
C ALA B 280 13.59 -26.61 1.21
N SER B 281 13.40 -26.01 2.39
CA SER B 281 13.28 -26.83 3.60
C SER B 281 12.16 -26.48 4.59
N ASP B 282 11.76 -27.48 5.37
CA ASP B 282 10.82 -27.27 6.48
C ASP B 282 11.41 -26.31 7.50
N ASP B 283 12.72 -26.06 7.43
CA ASP B 283 13.33 -25.10 8.35
C ASP B 283 13.08 -23.63 7.96
N LYS B 284 12.22 -23.40 6.95
CA LYS B 284 11.82 -22.05 6.47
C LYS B 284 12.86 -21.36 5.60
N THR B 285 13.90 -22.08 5.17
CA THR B 285 14.92 -21.46 4.36
C THR B 285 15.08 -22.07 2.97
N VAL B 286 15.69 -21.31 2.07
CA VAL B 286 16.23 -21.86 0.82
C VAL B 286 17.74 -21.77 0.96
N LYS B 287 18.46 -22.83 0.63
CA LYS B 287 19.92 -22.75 0.67
C LYS B 287 20.52 -22.90 -0.71
N LEU B 288 21.55 -22.10 -0.99
CA LEU B 288 22.27 -22.19 -2.25
C LEU B 288 23.65 -22.73 -1.96
N TRP B 289 24.02 -23.73 -2.78
CA TRP B 289 25.22 -24.50 -2.60
C TRP B 289 25.99 -24.55 -3.91
N ASN B 290 27.30 -24.71 -3.83
CA ASN B 290 28.03 -24.99 -5.04
C ASN B 290 28.14 -26.49 -5.23
N ARG B 291 28.79 -26.91 -6.32
CA ARG B 291 28.81 -28.32 -6.68
C ARG B 291 29.85 -29.08 -5.87
N ASN B 292 30.38 -28.40 -4.87
CA ASN B 292 31.45 -28.89 -4.02
C ASN B 292 30.89 -29.17 -2.63
N GLY B 293 29.57 -29.04 -2.50
CA GLY B 293 28.88 -29.30 -1.26
C GLY B 293 28.94 -28.16 -0.24
N GLN B 294 29.47 -27.01 -0.64
CA GLN B 294 29.52 -25.93 0.35
C GLN B 294 28.41 -24.89 0.19
N LEU B 295 27.98 -24.39 1.33
CA LEU B 295 26.90 -23.43 1.40
C LEU B 295 27.33 -22.05 0.95
N LEU B 296 26.63 -21.50 -0.03
CA LEU B 296 26.95 -20.18 -0.55
C LEU B 296 26.10 -19.16 0.14
N GLN B 297 24.83 -19.47 0.33
CA GLN B 297 23.93 -18.43 0.84
C GLN B 297 22.65 -19.03 1.38
N THR B 298 22.12 -18.47 2.46
CA THR B 298 20.84 -18.93 2.97
C THR B 298 19.83 -17.81 2.81
N LEU B 299 18.70 -18.11 2.17
CA LEU B 299 17.58 -17.18 2.07
C LEU B 299 16.63 -17.47 3.22
N THR B 300 16.72 -16.59 4.23
CA THR B 300 16.03 -16.75 5.48
C THR B 300 15.63 -15.36 5.94
N GLY B 301 14.65 -15.30 6.81
CA GLY B 301 14.21 -14.06 7.41
C GLY B 301 13.42 -14.44 8.63
N HIS B 302 13.00 -13.46 9.42
CA HIS B 302 12.26 -13.73 10.64
C HIS B 302 10.87 -14.32 10.34
N SER B 303 10.37 -15.16 11.24
CA SER B 303 9.05 -15.75 11.04
C SER B 303 8.00 -15.05 11.89
N SER B 304 8.40 -14.00 12.59
CA SER B 304 7.42 -13.19 13.34
C SER B 304 7.90 -11.75 13.43
N SER B 305 7.18 -10.90 14.16
CA SER B 305 7.53 -9.48 14.25
C SER B 305 8.97 -9.20 14.57
N VAL B 306 9.51 -8.13 13.95
CA VAL B 306 10.84 -7.64 14.27
C VAL B 306 10.67 -6.43 15.18
N TRP B 307 11.18 -6.54 16.42
CA TRP B 307 10.91 -5.51 17.45
C TRP B 307 12.05 -4.52 17.53
N GLY B 308 13.23 -4.90 17.03
CA GLY B 308 14.38 -4.01 17.15
C GLY B 308 15.40 -4.19 16.04
N VAL B 309 16.22 -3.17 15.83
CA VAL B 309 17.24 -3.23 14.77
C VAL B 309 18.46 -2.40 15.18
N ALA B 310 19.65 -2.81 14.75
CA ALA B 310 20.83 -2.05 15.12
C ALA B 310 21.84 -2.13 14.01
N PHE B 311 22.64 -1.07 13.88
CA PHE B 311 23.72 -1.04 12.91
C PHE B 311 25.03 -1.25 13.64
N SER B 312 25.91 -2.08 13.10
CA SER B 312 27.23 -2.23 13.68
CA SER B 312 27.26 -2.25 13.63
C SER B 312 27.99 -0.90 13.54
N PRO B 313 28.87 -0.58 14.51
CA PRO B 313 29.55 0.72 14.51
C PRO B 313 30.40 0.94 13.30
N ASP B 314 30.81 -0.16 12.66
CA ASP B 314 31.60 -0.10 11.43
C ASP B 314 30.75 0.00 10.18
N GLY B 315 29.44 -0.20 10.33
CA GLY B 315 28.50 -0.04 9.25
C GLY B 315 28.25 -1.17 8.26
N GLN B 316 28.92 -2.31 8.40
CA GLN B 316 28.79 -3.36 7.40
C GLN B 316 27.81 -4.46 7.81
N THR B 317 27.37 -4.43 9.05
CA THR B 317 26.50 -5.47 9.57
C THR B 317 25.26 -4.83 10.17
N ILE B 318 24.10 -5.47 9.99
CA ILE B 318 22.85 -5.03 10.63
C ILE B 318 22.33 -6.18 11.47
N ALA B 319 21.78 -5.88 12.64
CA ALA B 319 21.20 -6.94 13.46
C ALA B 319 19.73 -6.66 13.66
N SER B 320 18.92 -7.71 13.64
CA SER B 320 17.47 -7.60 13.86
C SER B 320 17.07 -8.53 15.00
N ALA B 321 16.11 -8.10 15.81
CA ALA B 321 15.66 -8.83 16.98
C ALA B 321 14.20 -9.12 16.79
N SER B 322 13.79 -10.35 17.06
CA SER B 322 12.44 -10.79 16.65
C SER B 322 11.64 -11.55 17.69
N ASP B 323 10.32 -11.48 17.52
CA ASP B 323 9.38 -12.25 18.31
C ASP B 323 9.61 -13.75 18.12
N ASP B 324 10.31 -14.12 17.06
CA ASP B 324 10.59 -15.53 16.79
C ASP B 324 11.74 -16.12 17.61
N LYS B 325 12.23 -15.35 18.59
CA LYS B 325 13.24 -15.77 19.57
C LYS B 325 14.65 -15.77 19.00
N THR B 326 14.84 -15.14 17.84
CA THR B 326 16.17 -15.13 17.26
C THR B 326 16.64 -13.71 17.04
N VAL B 327 17.96 -13.57 16.90
CA VAL B 327 18.54 -12.35 16.32
C VAL B 327 19.11 -12.78 14.99
N LYS B 328 18.99 -11.95 13.96
CA LYS B 328 19.68 -12.23 12.69
C LYS B 328 20.65 -11.12 12.33
N LEU B 329 21.77 -11.51 11.73
CA LEU B 329 22.79 -10.59 11.28
C LEU B 329 22.81 -10.64 9.76
N TRP B 330 22.91 -9.46 9.14
CA TRP B 330 22.80 -9.26 7.71
C TRP B 330 23.91 -8.34 7.23
N ASN B 331 24.31 -8.47 5.96
CA ASN B 331 25.22 -7.48 5.38
C ASN B 331 24.46 -6.33 4.74
N ARG B 332 25.18 -5.39 4.15
CA ARG B 332 24.49 -4.25 3.58
C ARG B 332 23.88 -4.47 2.19
N ASN B 333 24.00 -5.69 1.67
CA ASN B 333 23.29 -6.08 0.46
C ASN B 333 22.00 -6.86 0.77
N GLY B 334 21.65 -6.94 2.05
CA GLY B 334 20.42 -7.64 2.46
C GLY B 334 20.55 -9.15 2.54
N GLN B 335 21.80 -9.64 2.62
CA GLN B 335 22.06 -11.07 2.66
C GLN B 335 22.25 -11.53 4.09
N HIS B 336 21.62 -12.66 4.42
CA HIS B 336 21.78 -13.21 5.76
C HIS B 336 23.21 -13.64 6.00
N LEU B 337 23.73 -13.33 7.19
CA LEU B 337 25.07 -13.76 7.57
C LEU B 337 24.99 -14.79 8.68
N GLN B 338 24.06 -14.61 9.63
CA GLN B 338 24.08 -15.50 10.80
C GLN B 338 22.81 -15.41 11.63
N THR B 339 22.38 -16.53 12.20
CA THR B 339 21.20 -16.50 13.08
C THR B 339 21.69 -16.84 14.48
N LEU B 340 21.21 -16.11 15.49
CA LEU B 340 21.56 -16.30 16.89
C LEU B 340 20.36 -16.92 17.58
N THR B 341 20.50 -18.21 17.93
CA THR B 341 19.43 -19.01 18.55
C THR B 341 19.83 -19.44 19.95
N GLY B 342 18.91 -19.33 20.90
CA GLY B 342 19.18 -19.75 22.26
C GLY B 342 18.26 -19.11 23.27
N HIS B 343 17.75 -17.92 23.00
CA HIS B 343 16.71 -17.35 23.87
C HIS B 343 15.50 -18.25 23.87
N SER B 344 14.77 -18.30 24.99
CA SER B 344 13.59 -19.14 25.07
CA SER B 344 13.58 -19.14 25.10
C SER B 344 12.30 -18.37 24.83
N SER B 345 12.41 -17.06 24.59
CA SER B 345 11.23 -16.25 24.27
C SER B 345 11.62 -15.07 23.36
N SER B 346 10.67 -14.20 23.02
CA SER B 346 10.93 -13.11 22.08
CA SER B 346 10.94 -13.11 22.08
C SER B 346 12.11 -12.24 22.48
N VAL B 347 12.80 -11.73 21.48
CA VAL B 347 13.92 -10.83 21.67
C VAL B 347 13.43 -9.42 21.34
N TRP B 348 13.50 -8.54 22.34
CA TRP B 348 13.00 -7.18 22.23
C TRP B 348 14.03 -6.14 21.85
N GLY B 349 15.30 -6.41 22.10
CA GLY B 349 16.32 -5.39 21.85
C GLY B 349 17.61 -6.04 21.43
N VAL B 350 18.49 -5.26 20.79
CA VAL B 350 19.76 -5.79 20.36
C VAL B 350 20.74 -4.63 20.24
N ALA B 351 22.02 -4.92 20.46
CA ALA B 351 23.03 -3.90 20.41
C ALA B 351 24.36 -4.52 19.96
N PHE B 352 25.18 -3.73 19.28
CA PHE B 352 26.55 -4.16 18.96
C PHE B 352 27.51 -3.54 19.96
N SER B 353 28.59 -4.25 20.28
CA SER B 353 29.68 -3.66 21.07
C SER B 353 30.42 -2.64 20.21
N PRO B 354 31.14 -1.71 20.85
CA PRO B 354 31.90 -0.71 20.09
C PRO B 354 32.86 -1.26 19.04
N ASP B 355 33.35 -2.50 19.18
CA ASP B 355 34.25 -3.09 18.17
C ASP B 355 33.51 -3.94 17.13
N GLY B 356 32.19 -4.00 17.28
CA GLY B 356 31.33 -4.71 16.36
C GLY B 356 31.39 -6.22 16.46
N GLN B 357 32.17 -6.75 17.40
CA GLN B 357 32.39 -8.21 17.43
C GLN B 357 31.46 -8.98 18.36
N THR B 358 30.81 -8.26 19.27
CA THR B 358 29.91 -8.88 20.24
C THR B 358 28.54 -8.32 20.04
N ILE B 359 27.54 -9.19 20.15
CA ILE B 359 26.15 -8.77 19.99
C ILE B 359 25.49 -9.01 21.32
N ALA B 360 24.67 -8.07 21.79
CA ALA B 360 23.88 -8.30 22.99
C ALA B 360 22.41 -8.34 22.60
N SER B 361 21.66 -9.26 23.20
CA SER B 361 20.22 -9.37 22.93
C SER B 361 19.49 -9.36 24.24
N ALA B 362 18.32 -8.71 24.24
CA ALA B 362 17.47 -8.62 25.42
C ALA B 362 16.17 -9.38 25.16
N SER B 363 15.74 -10.22 26.09
CA SER B 363 14.63 -11.13 25.81
C SER B 363 13.53 -11.15 26.86
N ASP B 364 12.34 -11.50 26.41
CA ASP B 364 11.19 -11.78 27.28
C ASP B 364 11.49 -12.95 28.25
N ASP B 365 12.54 -13.73 27.96
CA ASP B 365 12.92 -14.83 28.87
C ASP B 365 13.69 -14.33 30.08
N LYS B 366 13.79 -13.01 30.23
CA LYS B 366 14.39 -12.35 31.39
C LYS B 366 15.91 -12.30 31.42
N THR B 367 16.55 -12.60 30.29
CA THR B 367 18.01 -12.60 30.23
C THR B 367 18.53 -11.63 29.19
N VAL B 368 19.76 -11.20 29.37
CA VAL B 368 20.52 -10.63 28.26
C VAL B 368 21.51 -11.69 27.84
N LYS B 369 21.68 -11.91 26.54
CA LYS B 369 22.69 -12.86 26.07
C LYS B 369 23.72 -12.15 25.24
N LEU B 370 24.96 -12.58 25.38
CA LEU B 370 26.07 -12.01 24.62
C LEU B 370 26.63 -13.08 23.72
N TRP B 371 26.82 -12.68 22.44
CA TRP B 371 27.20 -13.60 21.36
C TRP B 371 28.36 -13.08 20.53
N ASN B 372 29.07 -13.98 19.86
CA ASN B 372 30.01 -13.60 18.83
C ASN B 372 29.37 -13.72 17.44
N ARG B 373 30.07 -13.25 16.43
CA ARG B 373 29.55 -13.20 15.06
C ARG B 373 29.37 -14.55 14.40
N ASN B 374 29.93 -15.60 15.00
CA ASN B 374 29.73 -16.96 14.53
C ASN B 374 28.52 -17.60 15.17
N GLY B 375 27.85 -16.87 16.05
CA GLY B 375 26.60 -17.35 16.62
C GLY B 375 26.78 -18.08 17.94
N GLN B 376 28.02 -18.10 18.43
CA GLN B 376 28.33 -18.78 19.69
C GLN B 376 27.85 -17.93 20.87
N LEU B 377 27.20 -18.57 21.84
CA LEU B 377 26.82 -17.86 23.07
C LEU B 377 28.04 -17.70 23.96
N LEU B 378 28.34 -16.45 24.34
CA LEU B 378 29.50 -16.17 25.17
C LEU B 378 29.08 -16.04 26.62
N GLN B 379 27.89 -15.49 26.85
CA GLN B 379 27.51 -15.22 28.25
C GLN B 379 26.01 -14.98 28.40
N THR B 380 25.44 -15.45 29.50
CA THR B 380 24.07 -15.09 29.83
C THR B 380 24.03 -14.25 31.11
N LEU B 381 23.39 -13.08 31.02
CA LEU B 381 23.19 -12.15 32.13
C LEU B 381 21.81 -12.41 32.73
N THR B 382 21.83 -12.97 33.93
CA THR B 382 20.63 -13.28 34.70
C THR B 382 20.59 -12.37 35.90
N GLY B 383 19.40 -11.91 36.25
CA GLY B 383 19.30 -10.95 37.34
C GLY B 383 18.01 -10.15 37.27
N HIS B 384 17.58 -9.77 36.08
CA HIS B 384 16.29 -9.09 35.98
C HIS B 384 15.16 -10.05 36.38
N SER B 385 14.07 -9.55 36.96
CA SER B 385 12.97 -10.38 37.43
CA SER B 385 13.00 -10.44 37.39
C SER B 385 11.82 -10.47 36.42
N SER B 386 11.96 -9.73 35.31
CA SER B 386 10.94 -9.79 34.27
C SER B 386 11.54 -9.51 32.90
N SER B 387 10.70 -9.42 31.88
CA SER B 387 11.15 -9.25 30.51
C SER B 387 12.19 -8.15 30.39
N VAL B 388 13.23 -8.42 29.61
CA VAL B 388 14.22 -7.40 29.26
C VAL B 388 13.86 -6.83 27.88
N ARG B 389 13.73 -5.51 27.78
CA ARG B 389 13.19 -4.83 26.61
C ARG B 389 14.21 -4.08 25.77
N GLY B 390 15.36 -3.77 26.37
CA GLY B 390 16.35 -2.96 25.66
C GLY B 390 17.73 -3.20 26.21
N VAL B 391 18.75 -2.95 25.39
CA VAL B 391 20.11 -3.19 25.84
C VAL B 391 21.03 -2.28 25.06
N ALA B 392 22.15 -1.89 25.68
CA ALA B 392 23.11 -0.99 25.04
C ALA B 392 24.49 -1.18 25.60
N PHE B 393 25.51 -0.88 24.80
CA PHE B 393 26.89 -0.90 25.28
C PHE B 393 27.33 0.53 25.52
N SER B 394 28.17 0.73 26.53
CA SER B 394 28.80 2.04 26.73
C SER B 394 29.75 2.30 25.57
N PRO B 395 30.00 3.58 25.26
CA PRO B 395 30.94 3.96 24.19
C PRO B 395 32.35 3.41 24.38
N ASP B 396 32.79 3.22 25.62
CA ASP B 396 34.10 2.63 25.87
C ASP B 396 34.05 1.11 25.89
N GLY B 397 32.86 0.54 25.71
CA GLY B 397 32.71 -0.90 25.65
C GLY B 397 32.85 -1.61 27.00
N GLN B 398 32.95 -0.86 28.09
CA GLN B 398 33.21 -1.48 29.39
C GLN B 398 31.94 -1.87 30.14
N THR B 399 30.82 -1.24 29.78
CA THR B 399 29.57 -1.45 30.48
C THR B 399 28.43 -1.81 29.52
N ILE B 400 27.58 -2.72 29.97
CA ILE B 400 26.36 -3.05 29.27
C ILE B 400 25.20 -2.59 30.15
N ALA B 401 24.23 -1.90 29.56
CA ALA B 401 23.03 -1.48 30.28
C ALA B 401 21.86 -2.26 29.74
N SER B 402 20.99 -2.73 30.64
CA SER B 402 19.78 -3.44 30.20
C SER B 402 18.56 -2.82 30.87
N ALA B 403 17.46 -2.74 30.12
CA ALA B 403 16.23 -2.13 30.61
C ALA B 403 15.16 -3.18 30.73
N SER B 404 14.39 -3.19 31.81
CA SER B 404 13.47 -4.30 32.08
C SER B 404 12.06 -3.94 32.57
N ASP B 405 11.11 -4.86 32.35
CA ASP B 405 9.77 -4.75 32.93
C ASP B 405 9.79 -4.67 34.44
N ASP B 406 10.88 -5.11 35.05
CA ASP B 406 10.97 -5.10 36.52
C ASP B 406 11.26 -3.71 37.09
N LYS B 407 11.21 -2.72 36.19
CA LYS B 407 11.33 -1.29 36.54
CA LYS B 407 11.33 -1.29 36.54
C LYS B 407 12.75 -0.82 36.79
N THR B 408 13.74 -1.63 36.42
CA THR B 408 15.12 -1.23 36.70
C THR B 408 15.94 -1.12 35.43
N VAL B 409 17.04 -0.38 35.53
CA VAL B 409 18.12 -0.55 34.57
C VAL B 409 19.24 -1.23 35.30
N LYS B 410 19.83 -2.27 34.73
CA LYS B 410 21.01 -2.82 35.37
C LYS B 410 22.26 -2.55 34.52
N LEU B 411 23.38 -2.33 35.21
CA LEU B 411 24.68 -2.11 34.58
C LEU B 411 25.55 -3.31 34.91
N TRP B 412 26.17 -3.85 33.87
CA TRP B 412 26.94 -5.09 33.94
C TRP B 412 28.30 -4.84 33.33
N ASN B 413 29.31 -5.58 33.81
CA ASN B 413 30.60 -5.54 33.16
C ASN B 413 30.67 -6.58 32.05
N ARG B 414 31.77 -6.59 31.29
CA ARG B 414 31.85 -7.47 30.12
C ARG B 414 32.13 -8.92 30.53
N ASN B 415 32.42 -9.13 31.82
CA ASN B 415 32.52 -10.46 32.41
C ASN B 415 31.19 -10.94 33.01
N GLY B 416 30.12 -10.19 32.72
CA GLY B 416 28.78 -10.56 33.11
C GLY B 416 28.46 -10.35 34.58
N GLN B 417 29.29 -9.58 35.26
CA GLN B 417 29.02 -9.26 36.65
C GLN B 417 28.13 -8.02 36.77
N LEU B 418 27.13 -8.11 37.64
CA LEU B 418 26.22 -7.00 37.87
C LEU B 418 26.93 -5.91 38.64
N LEU B 419 27.03 -4.72 38.06
CA LEU B 419 27.70 -3.60 38.73
C LEU B 419 26.76 -2.67 39.46
N GLN B 420 25.57 -2.46 38.92
CA GLN B 420 24.72 -1.45 39.52
C GLN B 420 23.27 -1.61 39.10
N THR B 421 22.33 -1.32 40.00
CA THR B 421 20.94 -1.26 39.61
C THR B 421 20.47 0.19 39.74
N LEU B 422 19.72 0.66 38.75
CA LEU B 422 19.14 2.00 38.73
C LEU B 422 17.67 1.83 38.99
N THR B 423 17.25 2.34 40.16
CA THR B 423 15.88 2.25 40.63
C THR B 423 15.29 3.66 40.73
N GLY B 424 14.03 3.80 40.36
CA GLY B 424 13.42 5.10 40.42
C GLY B 424 12.23 5.15 39.50
N HIS B 425 12.30 4.44 38.38
CA HIS B 425 11.15 4.40 37.50
C HIS B 425 10.03 3.65 38.22
N SER B 426 8.79 4.02 37.96
CA SER B 426 7.69 3.39 38.68
C SER B 426 6.90 2.45 37.76
N SER B 427 7.43 2.22 36.57
CA SER B 427 6.88 1.20 35.70
C SER B 427 7.94 0.67 34.75
N SER B 428 7.54 -0.20 33.83
CA SER B 428 8.47 -0.89 32.96
C SER B 428 9.43 0.07 32.25
N VAL B 429 10.69 -0.36 32.09
CA VAL B 429 11.64 0.41 31.32
C VAL B 429 11.86 -0.25 29.96
N TRP B 430 11.60 0.49 28.89
CA TRP B 430 11.63 -0.05 27.52
C TRP B 430 12.84 0.37 26.70
N GLY B 431 13.48 1.47 27.08
CA GLY B 431 14.59 1.91 26.25
C GLY B 431 15.75 2.39 27.09
N VAL B 432 16.96 2.23 26.56
CA VAL B 432 18.12 2.66 27.30
C VAL B 432 19.19 3.08 26.29
N ALA B 433 19.95 4.12 26.62
CA ALA B 433 21.01 4.62 25.73
C ALA B 433 22.11 5.25 26.55
N PHE B 434 23.33 5.22 26.05
CA PHE B 434 24.44 5.93 26.68
C PHE B 434 24.77 7.21 25.94
N SER B 435 25.19 8.21 26.69
CA SER B 435 25.69 9.45 26.12
C SER B 435 27.05 9.17 25.44
N PRO B 436 27.31 9.81 24.28
CA PRO B 436 28.50 9.45 23.46
C PRO B 436 29.87 9.67 24.09
N ASP B 437 30.01 10.59 25.05
CA ASP B 437 31.25 10.68 25.86
C ASP B 437 31.37 9.61 26.96
N ASP B 438 30.40 8.69 27.01
CA ASP B 438 30.35 7.53 27.94
C ASP B 438 29.95 7.72 29.43
N GLN B 439 29.36 8.84 29.85
CA GLN B 439 29.10 8.92 31.30
C GLN B 439 27.61 9.03 31.72
N THR B 440 26.71 9.32 30.78
CA THR B 440 25.31 9.48 31.16
C THR B 440 24.46 8.35 30.57
N ILE B 441 23.53 7.85 31.35
CA ILE B 441 22.62 6.82 30.86
C ILE B 441 21.23 7.43 30.78
N ALA B 442 20.51 7.16 29.69
CA ALA B 442 19.11 7.59 29.64
C ALA B 442 18.25 6.34 29.61
N SER B 443 17.14 6.37 30.36
CA SER B 443 16.18 5.29 30.33
C SER B 443 14.83 5.89 29.98
N ALA B 444 14.03 5.13 29.24
CA ALA B 444 12.68 5.53 28.87
C ALA B 444 11.73 4.50 29.44
N SER B 445 10.69 4.98 30.10
CA SER B 445 9.78 4.13 30.84
C SER B 445 8.29 4.30 30.50
N ASP B 446 7.55 3.25 30.80
CA ASP B 446 6.10 3.28 30.68
CA ASP B 446 6.09 3.27 30.69
C ASP B 446 5.52 4.27 31.69
N ASP B 447 6.34 4.70 32.64
CA ASP B 447 5.87 5.68 33.61
C ASP B 447 5.81 7.11 33.03
N LYS B 448 5.99 7.23 31.71
CA LYS B 448 5.85 8.48 30.96
C LYS B 448 7.08 9.38 31.08
N THR B 449 8.18 8.89 31.67
CA THR B 449 9.34 9.78 31.81
C THR B 449 10.61 9.26 31.12
N VAL B 450 11.56 10.16 30.88
CA VAL B 450 12.93 9.67 30.61
C VAL B 450 13.77 10.07 31.82
N LYS B 451 14.68 9.21 32.27
CA LYS B 451 15.56 9.58 33.38
C LYS B 451 17.02 9.55 32.96
N LEU B 452 17.80 10.50 33.49
CA LEU B 452 19.23 10.57 33.19
C LEU B 452 19.96 10.27 34.47
N TRP B 453 20.91 9.35 34.34
CA TRP B 453 21.63 8.80 35.48
C TRP B 453 23.11 8.78 35.28
N ASN B 454 23.82 8.68 36.41
CA ASN B 454 25.23 8.34 36.31
CA ASN B 454 25.24 8.37 36.49
C ASN B 454 25.45 6.87 36.58
N ARG B 455 26.68 6.40 36.34
CA ARG B 455 26.99 4.98 36.50
C ARG B 455 27.05 4.51 37.94
N ASN B 456 26.95 5.45 38.86
CA ASN B 456 26.87 5.12 40.27
C ASN B 456 25.46 4.95 40.81
N GLY B 457 24.46 5.07 39.93
CA GLY B 457 23.09 4.86 40.37
C GLY B 457 22.37 6.15 40.72
N GLN B 458 23.07 7.28 40.66
CA GLN B 458 22.44 8.53 41.03
C GLN B 458 21.59 9.12 39.91
N LEU B 459 20.34 9.47 40.25
CA LEU B 459 19.44 10.14 39.33
C LEU B 459 19.88 11.60 39.10
N LEU B 460 20.12 11.97 37.85
CA LEU B 460 20.58 13.33 37.57
C LEU B 460 19.46 14.23 37.13
N GLN B 461 18.48 13.66 36.42
CA GLN B 461 17.41 14.50 35.88
C GLN B 461 16.25 13.67 35.40
N THR B 462 15.02 14.12 35.64
CA THR B 462 13.86 13.49 35.01
C THR B 462 13.27 14.40 33.92
N LEU B 463 12.94 13.81 32.78
CA LEU B 463 12.36 14.56 31.67
C LEU B 463 10.89 14.22 31.69
N THR B 464 10.09 15.22 32.08
CA THR B 464 8.64 15.05 32.24
C THR B 464 7.85 15.87 31.24
N GLY B 465 6.75 15.31 30.73
CA GLY B 465 5.98 16.03 29.74
C GLY B 465 5.17 15.17 28.80
N HIS B 466 5.71 14.01 28.43
CA HIS B 466 4.94 13.06 27.62
C HIS B 466 3.65 12.66 28.32
N SER B 467 2.61 12.44 27.52
CA SER B 467 1.30 12.07 28.07
C SER B 467 1.02 10.58 28.10
N SER B 468 2.01 9.77 27.68
CA SER B 468 1.86 8.32 27.73
C SER B 468 3.24 7.67 27.79
N SER B 469 3.27 6.34 27.79
CA SER B 469 4.50 5.57 27.86
C SER B 469 5.56 6.08 26.92
N VAL B 470 6.80 6.08 27.39
CA VAL B 470 7.93 6.46 26.56
C VAL B 470 8.70 5.18 26.23
N ARG B 471 8.87 4.89 24.95
CA ARG B 471 9.54 3.64 24.62
C ARG B 471 10.83 3.75 23.84
N GLY B 472 11.17 4.94 23.38
CA GLY B 472 12.44 5.10 22.68
C GLY B 472 13.18 6.30 23.24
N VAL B 473 14.50 6.24 23.21
CA VAL B 473 15.30 7.35 23.68
C VAL B 473 16.59 7.34 22.87
N ALA B 474 17.14 8.52 22.61
CA ALA B 474 18.41 8.59 21.88
C ALA B 474 19.09 9.90 22.26
N PHE B 475 20.42 9.92 22.18
CA PHE B 475 21.20 11.14 22.37
C PHE B 475 21.64 11.71 21.05
N SER B 476 21.76 13.03 21.00
CA SER B 476 22.36 13.68 19.83
C SER B 476 23.84 13.30 19.78
N PRO B 477 24.49 13.53 18.63
CA PRO B 477 25.92 13.25 18.56
C PRO B 477 26.79 13.99 19.59
N ASP B 478 26.45 15.20 19.98
CA ASP B 478 27.26 15.88 20.98
C ASP B 478 26.81 15.57 22.40
N GLY B 479 25.75 14.76 22.48
CA GLY B 479 25.22 14.31 23.76
C GLY B 479 24.51 15.37 24.56
N GLN B 480 24.27 16.54 23.97
CA GLN B 480 23.64 17.62 24.74
C GLN B 480 22.11 17.68 24.58
N THR B 481 21.59 16.97 23.57
CA THR B 481 20.14 16.93 23.32
C THR B 481 19.68 15.49 23.47
N ILE B 482 18.51 15.31 24.06
CA ILE B 482 17.91 14.01 24.20
C ILE B 482 16.65 13.95 23.36
N ALA B 483 16.43 12.84 22.66
CA ALA B 483 15.14 12.63 21.98
C ALA B 483 14.41 11.47 22.62
N SER B 484 13.10 11.63 22.80
CA SER B 484 12.30 10.56 23.37
C SER B 484 11.14 10.30 22.44
N ALA B 485 10.72 9.03 22.36
CA ALA B 485 9.60 8.65 21.52
C ALA B 485 8.49 8.07 22.37
N SER B 486 7.27 8.54 22.14
CA SER B 486 6.21 8.18 23.07
C SER B 486 4.93 7.63 22.45
N ASP B 487 4.21 6.84 23.25
CA ASP B 487 2.87 6.42 22.89
C ASP B 487 1.90 7.59 22.69
N ASP B 488 2.28 8.78 23.14
CA ASP B 488 1.39 9.94 22.97
C ASP B 488 1.47 10.49 21.53
N LYS B 489 2.21 9.78 20.67
CA LYS B 489 2.33 10.08 19.23
C LYS B 489 3.36 11.17 18.90
N THR B 490 4.14 11.59 19.89
CA THR B 490 5.12 12.66 19.58
C THR B 490 6.53 12.19 19.80
N VAL B 491 7.48 12.90 19.20
CA VAL B 491 8.87 12.81 19.64
C VAL B 491 9.17 14.13 20.34
N LYS B 492 9.86 14.08 21.46
CA LYS B 492 10.27 15.33 22.11
C LYS B 492 11.79 15.45 22.19
N LEU B 493 12.27 16.68 22.06
CA LEU B 493 13.69 16.96 22.20
C LEU B 493 13.88 17.84 23.42
N TRP B 494 14.88 17.46 24.23
CA TRP B 494 15.12 18.07 25.54
C TRP B 494 16.58 18.42 25.74
N ASN B 495 16.85 19.36 26.65
CA ASN B 495 18.21 19.53 27.14
C ASN B 495 18.40 18.79 28.46
N ARG B 496 19.63 18.77 28.95
CA ARG B 496 19.97 17.99 30.15
C ARG B 496 19.43 18.59 31.45
N ASN B 497 18.86 19.79 31.38
CA ASN B 497 18.20 20.34 32.55
C ASN B 497 16.70 20.10 32.54
N GLY B 498 16.21 19.35 31.56
CA GLY B 498 14.81 19.02 31.49
C GLY B 498 13.96 20.02 30.74
N GLN B 499 14.60 21.01 30.12
CA GLN B 499 13.86 21.91 29.24
C GLN B 499 13.42 21.20 27.97
N LEU B 500 12.15 21.40 27.59
CA LEU B 500 11.64 20.91 26.33
C LEU B 500 12.06 21.88 25.24
N LEU B 501 12.78 21.36 24.25
CA LEU B 501 13.32 22.20 23.20
C LEU B 501 12.46 22.16 21.96
N GLN B 502 11.85 21.00 21.71
CA GLN B 502 11.04 20.85 20.49
C GLN B 502 10.08 19.70 20.63
N THR B 503 8.93 19.78 19.96
CA THR B 503 8.00 18.65 19.85
C THR B 503 7.74 18.36 18.38
N LEU B 504 7.89 17.10 17.99
CA LEU B 504 7.64 16.63 16.64
C LEU B 504 6.30 15.92 16.60
N THR B 505 5.33 16.56 15.93
CA THR B 505 3.96 16.02 15.76
C THR B 505 3.67 15.66 14.31
N GLY B 506 2.92 14.58 14.11
CA GLY B 506 2.64 14.18 12.74
C GLY B 506 2.27 12.72 12.67
N HIS B 507 2.91 11.90 13.49
CA HIS B 507 2.55 10.47 13.47
C HIS B 507 1.10 10.29 13.88
N SER B 508 0.41 9.30 13.31
CA SER B 508 -1.00 9.07 13.59
CA SER B 508 -1.00 9.11 13.62
C SER B 508 -1.20 8.03 14.68
N SER B 509 -0.10 7.47 15.17
CA SER B 509 -0.16 6.49 16.26
C SER B 509 1.17 6.51 17.04
N SER B 510 1.29 5.62 18.01
CA SER B 510 2.41 5.60 18.94
C SER B 510 3.74 5.66 18.26
N VAL B 511 4.69 6.40 18.84
CA VAL B 511 6.05 6.40 18.32
C VAL B 511 6.92 5.46 19.16
N ARG B 512 7.50 4.44 18.51
CA ARG B 512 8.19 3.33 19.18
C ARG B 512 9.70 3.46 19.14
N GLY B 513 10.24 4.22 18.20
CA GLY B 513 11.67 4.27 18.07
C GLY B 513 12.06 5.64 17.59
N VAL B 514 13.26 6.09 17.95
CA VAL B 514 13.77 7.36 17.50
C VAL B 514 15.29 7.26 17.37
N ALA B 515 15.87 8.01 16.44
CA ALA B 515 17.32 8.10 16.30
C ALA B 515 17.73 9.45 15.74
N PHE B 516 18.93 9.91 16.10
CA PHE B 516 19.56 11.09 15.48
C PHE B 516 20.51 10.65 14.38
N SER B 517 20.54 11.40 13.29
CA SER B 517 21.57 11.16 12.29
C SER B 517 22.93 11.49 12.91
N PRO B 518 24.01 10.89 12.38
CA PRO B 518 25.38 11.14 12.85
C PRO B 518 25.77 12.59 12.73
N ASP B 519 25.15 13.33 11.82
CA ASP B 519 25.46 14.76 11.70
C ASP B 519 24.57 15.61 12.63
N GLY B 520 23.59 14.97 13.27
CA GLY B 520 22.77 15.62 14.27
C GLY B 520 21.68 16.51 13.65
N GLN B 521 21.62 16.56 12.33
CA GLN B 521 20.66 17.43 11.66
C GLN B 521 19.28 16.80 11.46
N THR B 522 19.24 15.49 11.41
CA THR B 522 18.04 14.75 11.05
C THR B 522 17.61 13.86 12.21
N ILE B 523 16.30 13.81 12.43
CA ILE B 523 15.77 12.86 13.41
C ILE B 523 14.91 11.89 12.64
N ALA B 524 14.99 10.60 12.98
CA ALA B 524 14.13 9.57 12.37
C ALA B 524 13.26 9.00 13.48
N SER B 525 12.00 8.74 13.18
CA SER B 525 11.11 8.17 14.17
C SER B 525 10.35 7.01 13.58
N ALA B 526 10.09 5.99 14.39
CA ALA B 526 9.38 4.79 13.91
C ALA B 526 8.04 4.69 14.58
N SER B 527 6.99 4.41 13.82
CA SER B 527 5.67 4.44 14.42
C SER B 527 4.74 3.28 14.08
N ASP B 528 3.83 3.03 15.01
CA ASP B 528 2.77 2.07 14.84
C ASP B 528 1.87 2.43 13.67
N ASP B 529 1.97 3.67 13.17
CA ASP B 529 1.20 4.08 12.00
C ASP B 529 1.81 3.55 10.71
N LYS B 530 2.85 2.73 10.88
CA LYS B 530 3.50 2.00 9.80
C LYS B 530 4.49 2.82 8.98
N THR B 531 4.85 4.00 9.50
CA THR B 531 5.78 4.83 8.75
C THR B 531 7.06 5.07 9.53
N VAL B 532 8.09 5.48 8.82
CA VAL B 532 9.20 6.16 9.49
C VAL B 532 9.12 7.61 9.06
N LYS B 533 9.25 8.55 9.99
CA LYS B 533 9.32 9.95 9.57
C LYS B 533 10.71 10.55 9.80
N LEU B 534 11.14 11.40 8.86
CA LEU B 534 12.42 12.09 8.95
C LEU B 534 12.15 13.58 9.11
N TRP B 535 12.82 14.20 10.08
CA TRP B 535 12.51 15.56 10.52
C TRP B 535 13.75 16.41 10.69
N ASN B 536 13.60 17.73 10.67
CA ASN B 536 14.68 18.61 11.12
C ASN B 536 14.36 19.17 12.51
N ARG B 537 15.29 19.90 13.08
CA ARG B 537 15.15 20.39 14.46
C ARG B 537 14.17 21.55 14.64
N ASN B 538 13.79 22.19 13.54
CA ASN B 538 12.81 23.27 13.62
C ASN B 538 11.40 22.68 13.65
N GLY B 539 11.32 21.35 13.61
CA GLY B 539 10.05 20.66 13.68
C GLY B 539 9.35 20.37 12.37
N GLN B 540 10.03 20.62 11.24
CA GLN B 540 9.45 20.29 9.94
C GLN B 540 9.69 18.83 9.56
N LEU B 541 8.67 18.25 8.94
CA LEU B 541 8.78 16.92 8.39
C LEU B 541 9.53 17.00 7.07
N LEU B 542 10.52 16.13 6.86
CA LEU B 542 11.30 16.16 5.65
C LEU B 542 10.84 15.07 4.71
N GLN B 543 10.48 13.91 5.27
CA GLN B 543 10.03 12.83 4.38
C GLN B 543 9.29 11.77 5.18
N THR B 544 8.33 11.07 4.57
CA THR B 544 7.68 9.93 5.21
C THR B 544 7.99 8.65 4.45
N LEU B 545 8.62 7.67 5.12
CA LEU B 545 8.98 6.38 4.51
C LEU B 545 7.81 5.44 4.69
N THR B 546 7.23 5.11 3.55
CA THR B 546 6.04 4.27 3.48
CA THR B 546 6.02 4.33 3.43
C THR B 546 6.35 3.03 2.70
N GLY B 547 5.90 1.90 3.21
CA GLY B 547 6.27 0.65 2.56
C GLY B 547 6.11 -0.53 3.49
N HIS B 548 6.34 -0.32 4.78
CA HIS B 548 6.05 -1.41 5.72
C HIS B 548 4.54 -1.61 5.74
N SER B 549 4.13 -2.85 5.97
CA SER B 549 2.71 -3.19 5.94
C SER B 549 2.13 -3.37 7.33
N SER B 550 2.96 -3.16 8.35
CA SER B 550 2.49 -3.17 9.74
CA SER B 550 2.49 -3.16 9.73
C SER B 550 3.33 -2.17 10.56
N SER B 551 3.06 -2.09 11.86
CA SER B 551 3.76 -1.20 12.78
C SER B 551 5.26 -1.26 12.60
N VAL B 552 5.91 -0.11 12.73
CA VAL B 552 7.35 0.00 12.67
C VAL B 552 7.84 0.22 14.09
N TRP B 553 8.71 -0.67 14.54
CA TRP B 553 9.10 -0.72 15.95
C TRP B 553 10.52 -0.23 16.17
N GLY B 554 11.33 -0.17 15.12
CA GLY B 554 12.69 0.29 15.39
C GLY B 554 13.28 1.02 14.21
N VAL B 555 14.18 1.98 14.45
CA VAL B 555 14.86 2.66 13.35
CA VAL B 555 14.88 2.67 13.36
C VAL B 555 16.31 2.93 13.75
N ALA B 556 17.20 2.90 12.78
CA ALA B 556 18.59 3.22 13.07
C ALA B 556 19.27 3.86 11.87
N PHE B 557 20.27 4.70 12.12
CA PHE B 557 21.11 5.22 11.04
C PHE B 557 22.38 4.39 10.90
N SER B 558 22.89 4.27 9.67
CA SER B 558 24.24 3.76 9.49
C SER B 558 25.21 4.79 10.06
N PRO B 559 26.43 4.36 10.41
CA PRO B 559 27.47 5.26 10.89
C PRO B 559 27.75 6.42 9.93
N ASP B 560 27.61 6.22 8.62
CA ASP B 560 27.88 7.32 7.68
C ASP B 560 26.68 8.25 7.49
N GLY B 561 25.54 7.82 8.02
CA GLY B 561 24.34 8.65 8.02
C GLY B 561 23.51 8.57 6.76
N GLN B 562 23.99 7.81 5.78
CA GLN B 562 23.33 7.78 4.49
C GLN B 562 22.22 6.73 4.38
N THR B 563 22.25 5.72 5.24
CA THR B 563 21.29 4.62 5.17
C THR B 563 20.52 4.53 6.47
N ILE B 564 19.23 4.21 6.34
CA ILE B 564 18.35 3.98 7.47
C ILE B 564 17.85 2.54 7.45
N ALA B 565 17.78 1.92 8.61
CA ALA B 565 17.16 0.59 8.72
C ALA B 565 15.93 0.70 9.60
N SER B 566 14.86 0.04 9.20
CA SER B 566 13.63 0.06 10.00
C SER B 566 13.14 -1.35 10.23
N ALA B 567 12.60 -1.61 11.43
CA ALA B 567 12.12 -2.94 11.85
C ALA B 567 10.65 -2.88 12.08
N SER B 568 9.94 -3.89 11.56
CA SER B 568 8.47 -3.89 11.53
C SER B 568 7.82 -5.19 11.97
N SER B 569 6.58 -5.10 12.48
CA SER B 569 5.85 -6.35 12.76
C SER B 569 5.39 -7.03 11.45
N ASP B 570 5.71 -6.45 10.29
CA ASP B 570 5.49 -7.16 9.04
C ASP B 570 6.55 -8.24 8.82
N LYS B 571 7.39 -8.48 9.84
CA LYS B 571 8.41 -9.53 9.85
C LYS B 571 9.63 -9.21 9.02
N THR B 572 9.80 -7.94 8.66
CA THR B 572 10.93 -7.54 7.84
C THR B 572 11.72 -6.36 8.43
N VAL B 573 12.95 -6.23 7.95
CA VAL B 573 13.72 -5.00 8.05
C VAL B 573 13.87 -4.42 6.65
N LYS B 574 13.67 -3.10 6.54
CA LYS B 574 13.92 -2.44 5.27
C LYS B 574 15.12 -1.52 5.38
N LEU B 575 15.93 -1.47 4.32
CA LEU B 575 17.06 -0.53 4.26
C LEU B 575 16.69 0.57 3.26
N TRP B 576 16.90 1.82 3.64
CA TRP B 576 16.51 2.95 2.79
C TRP B 576 17.70 3.87 2.57
N ASN B 577 17.84 4.38 1.35
CA ASN B 577 18.87 5.41 1.09
C ASN B 577 18.70 6.14 -0.27
#